data_1U6Z
#
_entry.id   1U6Z
#
_cell.length_a   89.144
_cell.length_b   89.144
_cell.length_c   350.686
_cell.angle_alpha   90.00
_cell.angle_beta   90.00
_cell.angle_gamma   90.00
#
_symmetry.space_group_name_H-M   'P 41 21 2'
#
loop_
_entity.id
_entity.type
_entity.pdbx_description
1 polymer Exopolyphosphatase
2 non-polymer 'SULFATE ION'
3 water water
#
_entity_poly.entity_id   1
_entity_poly.type   'polypeptide(L)'
_entity_poly.pdbx_seq_one_letter_code
;MPIHDKSPRPQEFAAVDLGSNSFHMVIARVVDGAMQIIGRLKQRVHLADGLGPDNMLSEEAMTRGLNCLSLFAERLQGFS
PASVCIVGTHTLRQALNATDFLKRAEKVIPYPIEIISGNEEARLIFMGVEHTQPEKGRKLVIDIGGGSTELVIGENFEPI
LVESRRMGCVSFAQLYFPGGVINKENFQRARMAAAQKLETLTWQFRIQGWNVAMGASGTIKAAHEVLMEMGEKDGIITPE
RLEKLVKEVLRHRNFASLSLPGLSEERKTVFVPGLAILCGVFDALAIRELRLSDGALREGVLYEMEGRFRHQDVRSRTAS
SLANQYHIDSEQARRVLDTTMQMYEQWREQQPKLAHPQLEALLRWAAMLHEVGLNINHSGLHRHSAYILQNSDLPGFNQE
QQLMMATLVRYHRKAIKLDDLPRFTLFKKKQFLPLIQLLRLGVLLNNQRQATTTPPTLTLITDDSHWTLRFPHDWFSQNA
LVLLDLEKEQEYWEGVAGWRLKIEEESTPEIAA
;
_entity_poly.pdbx_strand_id   A,B
#
loop_
_chem_comp.id
_chem_comp.type
_chem_comp.name
_chem_comp.formula
SO4 non-polymer 'SULFATE ION' 'O4 S -2'
#
# COMPACT_ATOMS: atom_id res chain seq x y z
N GLU A 12 26.59 3.77 32.21
CA GLU A 12 27.69 3.93 31.19
C GLU A 12 27.26 3.37 29.84
N PHE A 13 27.00 4.28 28.88
CA PHE A 13 26.52 3.96 27.53
C PHE A 13 27.54 4.24 26.43
N ALA A 14 27.34 3.62 25.26
CA ALA A 14 28.13 3.92 24.07
C ALA A 14 27.32 3.86 22.78
N ALA A 15 27.60 4.83 21.90
CA ALA A 15 26.96 4.92 20.61
C ALA A 15 28.06 4.84 19.58
N VAL A 16 27.87 3.99 18.61
CA VAL A 16 28.84 3.78 17.55
C VAL A 16 28.15 4.01 16.21
N ASP A 17 28.79 4.76 15.32
CA ASP A 17 28.26 5.12 14.02
C ASP A 17 29.21 4.62 12.93
N LEU A 18 28.76 3.66 12.13
CA LEU A 18 29.59 3.16 11.03
C LEU A 18 29.26 3.93 9.76
N GLY A 19 30.05 4.96 9.49
CA GLY A 19 29.83 5.86 8.37
C GLY A 19 30.60 5.55 7.10
N SER A 20 30.48 6.45 6.14
CA SER A 20 31.17 6.29 4.84
C SER A 20 32.68 6.58 4.93
N ASN A 21 33.04 7.73 5.52
CA ASN A 21 34.45 8.13 5.64
C ASN A 21 35.15 7.62 6.90
N SER A 22 34.40 7.57 7.99
CA SER A 22 34.92 7.22 9.31
C SER A 22 33.94 6.42 10.14
N PHE A 23 34.49 5.70 11.11
CA PHE A 23 33.71 5.03 12.15
C PHE A 23 33.90 5.90 13.40
N HIS A 24 32.81 6.25 14.09
CA HIS A 24 32.83 7.09 15.30
C HIS A 24 32.20 6.42 16.49
N MET A 25 32.72 6.69 17.69
CA MET A 25 32.19 6.16 18.94
C MET A 25 32.16 7.23 20.04
N VAL A 26 31.12 7.23 20.86
CA VAL A 26 31.08 8.15 22.01
C VAL A 26 30.66 7.35 23.23
N ILE A 27 31.35 7.57 24.35
CA ILE A 27 30.99 6.88 25.58
C ILE A 27 30.54 7.96 26.56
N ALA A 28 29.51 7.65 27.35
CA ALA A 28 28.93 8.60 28.29
C ALA A 28 28.28 7.95 29.51
N ARG A 29 28.03 8.77 30.53
CA ARG A 29 27.30 8.29 31.71
C ARG A 29 26.25 9.33 32.06
N VAL A 30 25.37 8.98 32.99
CA VAL A 30 24.37 9.91 33.45
C VAL A 30 24.59 10.08 34.95
N VAL A 31 24.63 11.34 35.39
CA VAL A 31 24.82 11.69 36.78
C VAL A 31 23.77 12.75 37.12
N ASP A 32 22.96 12.48 38.15
CA ASP A 32 21.86 13.36 38.59
C ASP A 32 20.87 13.70 37.44
N GLY A 33 20.76 12.78 36.48
CA GLY A 33 19.87 12.93 35.33
C GLY A 33 20.55 13.55 34.12
N ALA A 34 21.74 14.09 34.36
CA ALA A 34 22.52 14.77 33.33
C ALA A 34 23.51 13.87 32.58
N MET A 35 23.54 14.02 31.25
CA MET A 35 24.46 13.26 30.41
C MET A 35 25.85 13.88 30.56
N GLN A 36 26.88 13.03 30.46
CA GLN A 36 28.30 13.49 30.56
C GLN A 36 29.23 12.54 29.80
N ILE A 37 30.00 13.13 28.89
CA ILE A 37 30.87 12.38 27.98
C ILE A 37 32.17 11.95 28.65
N ILE A 38 32.48 10.66 28.51
CA ILE A 38 33.64 10.01 29.10
C ILE A 38 34.82 9.90 28.12
N GLY A 39 34.49 9.60 26.87
CA GLY A 39 35.46 9.45 25.81
C GLY A 39 34.87 9.47 24.43
N ARG A 40 35.69 9.82 23.44
CA ARG A 40 35.25 9.79 22.05
C ARG A 40 36.32 9.11 21.23
N LEU A 41 35.90 8.34 20.23
CA LEU A 41 36.83 7.62 19.37
C LEU A 41 36.43 7.77 17.89
N LYS A 42 37.46 7.85 17.04
CA LYS A 42 37.25 8.06 15.63
C LYS A 42 38.38 7.39 14.87
N GLN A 43 38.01 6.63 13.84
CA GLN A 43 39.01 5.96 13.01
C GLN A 43 38.60 6.11 11.56
N ARG A 44 39.51 6.68 10.78
CA ARG A 44 39.30 6.92 9.35
C ARG A 44 39.33 5.58 8.59
N VAL A 45 38.19 4.92 8.48
CA VAL A 45 38.08 3.60 7.83
C VAL A 45 37.94 3.60 6.29
N HIS A 46 37.24 4.59 5.73
CA HIS A 46 37.01 4.67 4.28
C HIS A 46 36.20 3.47 3.77
N LEU A 47 35.05 3.22 4.39
CA LEU A 47 34.21 2.11 3.96
C LEU A 47 33.67 2.32 2.55
N ALA A 48 33.13 3.51 2.29
CA ALA A 48 32.60 3.89 0.97
C ALA A 48 33.62 3.85 -0.19
N ASP A 49 34.91 3.95 0.13
CA ASP A 49 35.97 3.89 -0.89
C ASP A 49 36.03 2.52 -1.55
N GLY A 50 35.72 1.51 -0.74
CA GLY A 50 35.66 0.13 -1.19
C GLY A 50 34.38 -0.20 -1.95
N LEU A 51 33.42 0.72 -2.00
CA LEU A 51 32.19 0.49 -2.77
C LEU A 51 32.48 0.76 -4.25
N GLY A 52 32.12 -0.19 -5.11
CA GLY A 52 32.39 -0.07 -6.54
C GLY A 52 31.15 -0.03 -7.42
N PRO A 53 31.34 -0.28 -8.72
CA PRO A 53 30.25 -0.29 -9.70
C PRO A 53 29.11 -1.20 -9.26
N ASP A 54 29.46 -2.46 -8.98
CA ASP A 54 28.50 -3.50 -8.56
C ASP A 54 27.98 -3.36 -7.13
N ASN A 55 28.35 -2.27 -6.46
CA ASN A 55 27.94 -1.97 -5.08
C ASN A 55 28.42 -2.99 -4.05
N MET A 56 29.58 -3.60 -4.31
CA MET A 56 30.17 -4.58 -3.42
C MET A 56 31.32 -3.98 -2.65
N LEU A 57 31.29 -4.09 -1.32
CA LEU A 57 32.40 -3.64 -0.50
C LEU A 57 33.59 -4.54 -0.79
N SER A 58 34.75 -3.93 -1.00
CA SER A 58 35.98 -4.64 -1.33
C SER A 58 36.53 -5.36 -0.12
N GLU A 59 37.37 -6.37 -0.37
CA GLU A 59 37.98 -7.16 0.70
C GLU A 59 38.93 -6.34 1.60
N GLU A 60 39.52 -5.30 0.99
CA GLU A 60 40.45 -4.43 1.71
C GLU A 60 39.73 -3.51 2.70
N ALA A 61 38.61 -2.92 2.26
CA ALA A 61 37.80 -2.00 3.10
C ALA A 61 37.16 -2.75 4.24
N MET A 62 36.72 -3.99 3.95
CA MET A 62 36.09 -4.82 4.97
C MET A 62 37.14 -5.19 6.06
N THR A 63 38.38 -5.54 5.63
CA THR A 63 39.52 -5.85 6.54
C THR A 63 39.84 -4.65 7.46
N ARG A 64 39.98 -3.48 6.84
CA ARG A 64 40.10 -2.20 7.58
C ARG A 64 39.00 -1.95 8.61
N GLY A 65 37.71 -2.19 8.25
CA GLY A 65 36.57 -1.96 9.14
C GLY A 65 36.55 -2.95 10.29
N LEU A 66 36.94 -4.20 10.00
CA LEU A 66 36.99 -5.26 11.03
C LEU A 66 38.09 -4.93 12.06
N ASN A 67 39.18 -4.33 11.57
CA ASN A 67 40.29 -3.98 12.45
C ASN A 67 39.91 -2.88 13.44
N CYS A 68 38.99 -1.96 12.98
CA CYS A 68 38.53 -0.86 13.81
C CYS A 68 37.50 -1.35 14.83
N LEU A 69 36.60 -2.25 14.41
CA LEU A 69 35.62 -2.78 15.35
C LEU A 69 36.27 -3.60 16.46
N SER A 70 37.39 -4.24 16.17
CA SER A 70 38.11 -4.95 17.21
C SER A 70 38.69 -3.94 18.19
N LEU A 71 39.09 -2.78 17.68
CA LEU A 71 39.69 -1.76 18.52
C LEU A 71 38.58 -1.14 19.33
N PHE A 72 37.42 -0.96 18.70
CA PHE A 72 36.24 -0.44 19.36
C PHE A 72 35.78 -1.43 20.42
N ALA A 73 35.81 -2.74 20.11
CA ALA A 73 35.42 -3.75 21.10
C ALA A 73 36.41 -3.76 22.28
N GLU A 74 37.67 -3.46 22.01
CA GLU A 74 38.70 -3.38 23.07
C GLU A 74 38.32 -2.31 24.11
N ARG A 75 37.95 -1.13 23.60
CA ARG A 75 37.52 0.01 24.42
C ARG A 75 36.24 -0.30 25.20
N LEU A 76 35.38 -1.09 24.58
CA LEU A 76 34.07 -1.46 25.12
C LEU A 76 34.05 -2.80 25.88
N GLN A 77 35.24 -3.33 26.25
CA GLN A 77 35.30 -4.60 26.98
C GLN A 77 34.46 -4.49 28.25
N GLY A 78 33.55 -5.43 28.48
CA GLY A 78 32.75 -5.41 29.69
C GLY A 78 31.39 -4.71 29.58
N PHE A 79 31.19 -3.93 28.52
CA PHE A 79 29.94 -3.26 28.30
C PHE A 79 28.90 -4.32 27.94
N SER A 80 27.74 -4.26 28.57
CA SER A 80 26.65 -5.20 28.24
C SER A 80 25.98 -4.79 26.94
N PRO A 81 25.40 -5.75 26.21
CA PRO A 81 24.68 -5.42 24.97
C PRO A 81 23.69 -4.28 25.13
N ALA A 82 23.06 -4.16 26.30
CA ALA A 82 22.06 -3.10 26.55
C ALA A 82 22.67 -1.69 26.61
N SER A 83 23.96 -1.62 26.92
CA SER A 83 24.65 -0.34 27.07
C SER A 83 25.32 0.13 25.79
N VAL A 84 25.06 -0.54 24.67
CA VAL A 84 25.72 -0.19 23.42
C VAL A 84 24.79 -0.19 22.21
N CYS A 85 24.91 0.83 21.36
CA CYS A 85 24.15 0.83 20.10
C CYS A 85 25.08 1.12 18.91
N ILE A 86 25.12 0.21 17.93
CA ILE A 86 25.93 0.41 16.75
C ILE A 86 25.02 0.56 15.57
N VAL A 87 25.11 1.68 14.88
CA VAL A 87 24.26 1.87 13.71
C VAL A 87 25.12 1.95 12.45
N GLY A 88 24.53 1.54 11.32
CA GLY A 88 25.15 1.60 10.00
C GLY A 88 24.28 2.48 9.10
N THR A 89 24.91 3.28 8.24
CA THR A 89 24.14 4.22 7.42
C THR A 89 24.27 4.00 5.92
N HIS A 90 24.38 5.08 5.13
CA HIS A 90 24.39 4.99 3.65
C HIS A 90 25.23 3.87 3.07
N THR A 91 26.49 3.77 3.45
CA THR A 91 27.34 2.75 2.82
C THR A 91 26.83 1.33 3.08
N LEU A 92 26.48 1.02 4.33
CA LEU A 92 25.96 -0.32 4.63
C LEU A 92 24.54 -0.49 4.09
N ARG A 93 23.78 0.60 3.89
CA ARG A 93 22.45 0.50 3.26
C ARG A 93 22.55 0.04 1.80
N GLN A 94 23.56 0.55 1.09
CA GLN A 94 23.74 0.30 -0.34
C GLN A 94 24.64 -0.89 -0.70
N ALA A 95 25.44 -1.37 0.25
CA ALA A 95 26.35 -2.50 -0.04
C ALA A 95 25.55 -3.78 -0.24
N LEU A 96 25.76 -4.43 -1.38
CA LEU A 96 25.07 -5.67 -1.67
C LEU A 96 25.62 -6.83 -0.83
N ASN A 97 26.80 -6.63 -0.25
CA ASN A 97 27.38 -7.67 0.59
C ASN A 97 27.44 -7.22 2.04
N ALA A 98 26.50 -6.34 2.40
CA ALA A 98 26.39 -5.80 3.76
C ALA A 98 26.28 -6.94 4.75
N THR A 99 25.48 -7.95 4.42
CA THR A 99 25.27 -9.10 5.30
C THR A 99 26.56 -9.82 5.60
N ASP A 100 27.42 -9.98 4.59
CA ASP A 100 28.73 -10.63 4.79
C ASP A 100 29.61 -9.86 5.79
N PHE A 101 29.63 -8.54 5.69
CA PHE A 101 30.42 -7.71 6.61
C PHE A 101 29.89 -7.84 8.03
N LEU A 102 28.55 -7.73 8.16
CA LEU A 102 27.83 -7.87 9.43
C LEU A 102 28.14 -9.21 10.12
N LYS A 103 28.13 -10.27 9.34
CA LYS A 103 28.43 -11.60 9.86
C LYS A 103 29.90 -11.70 10.34
N ARG A 104 30.85 -11.15 9.57
CA ARG A 104 32.25 -11.16 9.98
C ARG A 104 32.46 -10.26 11.20
N ALA A 105 31.73 -9.15 11.27
CA ALA A 105 31.79 -8.25 12.41
C ALA A 105 31.41 -8.95 13.70
N GLU A 106 30.57 -9.98 13.60
CA GLU A 106 30.12 -10.75 14.78
C GLU A 106 31.28 -11.33 15.58
N LYS A 107 32.37 -11.68 14.92
CA LYS A 107 33.52 -12.28 15.60
C LYS A 107 34.53 -11.27 16.15
N VAL A 108 34.39 -9.99 15.82
CA VAL A 108 35.34 -9.00 16.35
C VAL A 108 34.67 -8.01 17.33
N ILE A 109 33.35 -7.88 17.28
CA ILE A 109 32.62 -6.99 18.20
C ILE A 109 31.30 -7.67 18.60
N PRO A 110 31.07 -7.85 19.90
CA PRO A 110 29.90 -8.63 20.34
C PRO A 110 28.58 -7.89 20.37
N TYR A 111 28.47 -6.71 19.77
CA TYR A 111 27.20 -5.99 19.73
C TYR A 111 26.72 -5.99 18.29
N PRO A 112 25.42 -6.20 18.08
CA PRO A 112 24.86 -6.26 16.72
C PRO A 112 24.92 -4.90 16.02
N ILE A 113 25.09 -4.92 14.71
CA ILE A 113 25.15 -3.70 13.93
C ILE A 113 23.74 -3.48 13.38
N GLU A 114 23.19 -2.29 13.60
CA GLU A 114 21.82 -2.00 13.20
C GLU A 114 21.79 -1.02 12.05
N ILE A 115 21.47 -1.50 10.84
CA ILE A 115 21.34 -0.61 9.70
C ILE A 115 20.06 0.21 9.88
N ILE A 116 20.17 1.52 9.72
CA ILE A 116 19.01 2.41 9.84
C ILE A 116 18.75 3.09 8.51
N SER A 117 17.50 3.48 8.26
CA SER A 117 17.12 4.16 7.03
C SER A 117 17.69 5.57 6.99
N GLY A 118 17.63 6.21 5.83
CA GLY A 118 18.13 7.58 5.70
C GLY A 118 17.27 8.53 6.52
N ASN A 119 15.96 8.30 6.55
CA ASN A 119 15.09 9.21 7.30
C ASN A 119 15.21 9.02 8.86
N GLU A 120 15.56 7.80 9.32
CA GLU A 120 15.83 7.58 10.74
C GLU A 120 17.16 8.20 11.12
N GLU A 121 18.13 8.10 10.22
CA GLU A 121 19.43 8.74 10.40
C GLU A 121 19.26 10.27 10.50
N ALA A 122 18.47 10.85 9.61
CA ALA A 122 18.21 12.30 9.62
C ALA A 122 17.55 12.71 10.94
N ARG A 123 16.58 11.91 11.37
CA ARG A 123 15.86 12.17 12.61
C ARG A 123 16.83 12.20 13.79
N LEU A 124 17.70 11.18 13.86
CA LEU A 124 18.69 11.08 14.96
C LEU A 124 19.72 12.21 14.92
N ILE A 125 20.11 12.64 13.73
CA ILE A 125 21.06 13.76 13.60
C ILE A 125 20.42 15.00 14.20
N PHE A 126 19.18 15.28 13.77
CA PHE A 126 18.40 16.38 14.35
C PHE A 126 18.35 16.32 15.88
N MET A 127 18.06 15.14 16.44
CA MET A 127 18.02 14.98 17.89
C MET A 127 19.38 15.28 18.51
N GLY A 128 20.45 14.79 17.88
CA GLY A 128 21.81 15.05 18.34
C GLY A 128 22.20 16.52 18.39
N VAL A 129 21.81 17.25 17.35
CA VAL A 129 22.05 18.67 17.28
C VAL A 129 21.25 19.34 18.41
N GLU A 130 19.96 19.03 18.48
CA GLU A 130 19.06 19.56 19.51
C GLU A 130 19.51 19.33 20.97
N HIS A 131 20.10 18.16 21.25
CA HIS A 131 20.56 17.81 22.59
C HIS A 131 21.93 18.37 22.95
N THR A 132 22.73 18.69 21.93
CA THR A 132 24.09 19.22 22.13
C THR A 132 24.09 20.74 22.07
N GLN A 133 23.24 21.25 21.18
CA GLN A 133 23.06 22.66 20.91
C GLN A 133 21.71 23.15 21.44
N PRO A 134 21.52 23.18 22.77
CA PRO A 134 20.22 23.59 23.30
C PRO A 134 20.12 25.10 23.29
N GLU A 135 19.67 25.55 22.13
CA GLU A 135 19.44 26.94 21.82
C GLU A 135 18.02 26.85 21.31
N LYS A 136 17.19 27.82 21.69
CA LYS A 136 15.77 27.83 21.33
C LYS A 136 15.50 28.10 19.85
N GLY A 137 14.25 27.85 19.44
CA GLY A 137 13.80 28.13 18.08
C GLY A 137 13.60 26.96 17.14
N ARG A 138 12.93 27.24 16.03
CA ARG A 138 12.68 26.25 15.01
C ARG A 138 13.97 26.15 14.21
N LYS A 139 14.53 24.95 14.15
CA LYS A 139 15.81 24.74 13.50
C LYS A 139 15.76 24.00 12.15
N LEU A 140 16.68 24.39 11.27
CA LEU A 140 16.95 23.69 10.02
C LEU A 140 18.27 23.00 10.30
N VAL A 141 18.35 21.69 10.04
CA VAL A 141 19.57 20.93 10.31
C VAL A 141 20.04 20.24 9.03
N ILE A 142 21.29 20.51 8.64
CA ILE A 142 21.90 19.98 7.43
C ILE A 142 23.07 19.11 7.82
N ASP A 143 23.19 17.92 7.24
CA ASP A 143 24.35 17.08 7.49
C ASP A 143 24.83 16.51 6.16
N ILE A 144 26.03 16.90 5.72
CA ILE A 144 26.53 16.35 4.46
C ILE A 144 27.54 15.29 4.81
N GLY A 145 27.22 14.06 4.41
CA GLY A 145 28.09 12.94 4.66
C GLY A 145 28.90 12.51 3.44
N GLY A 146 29.59 11.38 3.57
CA GLY A 146 30.35 10.79 2.49
C GLY A 146 29.44 10.18 1.42
N GLY A 147 28.28 9.66 1.84
CA GLY A 147 27.38 9.01 0.90
C GLY A 147 25.98 9.56 0.85
N SER A 148 25.53 10.17 1.93
CA SER A 148 24.19 10.75 1.93
C SER A 148 24.15 12.10 2.65
N THR A 149 23.11 12.87 2.35
CA THR A 149 22.91 14.20 2.93
C THR A 149 21.54 14.25 3.59
N GLU A 150 21.50 14.70 4.83
CA GLU A 150 20.24 14.79 5.55
C GLU A 150 19.85 16.25 5.80
N LEU A 151 18.54 16.50 5.79
CA LEU A 151 17.95 17.83 5.94
C LEU A 151 16.68 17.73 6.76
N VAL A 152 16.62 18.47 7.86
CA VAL A 152 15.48 18.39 8.74
C VAL A 152 15.08 19.74 9.26
N ILE A 153 13.79 19.99 9.34
CA ILE A 153 13.33 21.17 10.04
C ILE A 153 12.57 20.62 11.21
N GLY A 154 12.82 21.16 12.40
CA GLY A 154 12.13 20.75 13.61
C GLY A 154 12.23 21.77 14.73
N GLU A 155 11.55 21.50 15.83
CA GLU A 155 11.53 22.40 16.96
C GLU A 155 11.27 21.63 18.24
N ASN A 156 12.00 21.96 19.29
CA ASN A 156 11.78 21.37 20.61
C ASN A 156 11.72 19.84 20.58
N PHE A 157 12.76 19.25 19.98
CA PHE A 157 12.92 17.79 19.86
C PHE A 157 11.80 17.10 19.08
N GLU A 158 11.04 17.87 18.32
CA GLU A 158 9.99 17.32 17.47
C GLU A 158 10.28 17.65 16.01
N PRO A 159 10.63 16.65 15.19
CA PRO A 159 10.85 16.89 13.77
C PRO A 159 9.54 17.28 13.09
N ILE A 160 9.62 18.11 12.05
CA ILE A 160 8.43 18.52 11.30
C ILE A 160 8.58 17.97 9.90
N LEU A 161 9.73 18.25 9.30
CA LEU A 161 10.03 17.77 7.96
C LEU A 161 11.34 17.02 8.01
N VAL A 162 11.37 15.83 7.42
CA VAL A 162 12.56 14.97 7.45
C VAL A 162 12.86 14.38 6.06
N GLU A 163 14.11 14.58 5.61
CA GLU A 163 14.52 14.14 4.30
C GLU A 163 15.99 13.69 4.26
N SER A 164 16.27 12.80 3.32
CA SER A 164 17.65 12.36 3.09
C SER A 164 17.79 12.15 1.59
N ARG A 165 18.98 12.41 1.06
CA ARG A 165 19.18 12.28 -0.37
C ARG A 165 20.49 11.60 -0.59
N ARG A 166 20.53 10.74 -1.59
CA ARG A 166 21.73 9.98 -1.91
C ARG A 166 22.74 10.85 -2.63
N MET A 167 23.37 11.75 -1.87
CA MET A 167 24.46 12.56 -2.37
C MET A 167 25.42 12.82 -1.21
N GLY A 168 26.68 12.53 -1.47
CA GLY A 168 27.73 12.71 -0.49
C GLY A 168 29.03 13.02 -1.18
N CYS A 169 30.05 13.39 -0.41
CA CYS A 169 31.34 13.76 -1.00
C CYS A 169 31.99 12.65 -1.78
N VAL A 170 31.85 11.41 -1.34
CA VAL A 170 32.55 10.31 -2.02
C VAL A 170 31.94 10.07 -3.40
N SER A 171 30.62 9.87 -3.46
CA SER A 171 29.95 9.62 -4.74
C SER A 171 30.12 10.78 -5.72
N PHE A 172 29.98 12.00 -5.22
CA PHE A 172 30.11 13.20 -6.07
C PHE A 172 31.53 13.40 -6.59
N ALA A 173 32.54 12.92 -5.85
CA ALA A 173 33.91 12.97 -6.31
C ALA A 173 34.05 12.19 -7.61
N GLN A 174 33.62 10.92 -7.59
CA GLN A 174 33.72 10.08 -8.80
C GLN A 174 32.84 10.55 -9.96
N LEU A 175 31.63 11.02 -9.64
CA LEU A 175 30.68 11.44 -10.67
C LEU A 175 31.03 12.74 -11.37
N TYR A 176 31.53 13.72 -10.62
CA TYR A 176 31.76 15.05 -11.19
C TYR A 176 33.22 15.50 -11.19
N PHE A 177 34.09 14.81 -10.46
CA PHE A 177 35.50 15.20 -10.50
C PHE A 177 36.41 14.00 -10.83
N PRO A 178 36.21 13.38 -12.00
CA PRO A 178 37.02 12.21 -12.37
C PRO A 178 38.52 12.47 -12.24
N GLY A 179 39.22 11.57 -11.54
CA GLY A 179 40.65 11.67 -11.34
C GLY A 179 41.07 12.79 -10.40
N GLY A 180 40.10 13.39 -9.70
CA GLY A 180 40.37 14.48 -8.80
C GLY A 180 40.52 15.83 -9.48
N VAL A 181 40.16 15.92 -10.77
CA VAL A 181 40.31 17.19 -11.52
C VAL A 181 39.35 18.31 -11.05
N ILE A 182 39.91 19.50 -10.78
CA ILE A 182 39.14 20.67 -10.35
C ILE A 182 39.07 21.76 -11.40
N ASN A 183 37.85 22.08 -11.84
CA ASN A 183 37.63 23.22 -12.74
C ASN A 183 36.24 23.80 -12.50
N LYS A 184 35.95 24.98 -13.06
CA LYS A 184 34.63 25.63 -12.88
C LYS A 184 33.49 24.75 -13.36
N GLU A 185 33.71 24.07 -14.48
CA GLU A 185 32.69 23.22 -15.10
C GLU A 185 32.35 21.98 -14.24
N ASN A 186 33.37 21.29 -13.73
CA ASN A 186 33.15 20.11 -12.89
C ASN A 186 32.44 20.55 -11.63
N PHE A 187 32.87 21.71 -11.11
CA PHE A 187 32.27 22.20 -9.88
C PHE A 187 30.83 22.58 -10.06
N GLN A 188 30.52 23.32 -11.14
CA GLN A 188 29.14 23.74 -11.42
C GLN A 188 28.22 22.55 -11.61
N ARG A 189 28.68 21.54 -12.34
CA ARG A 189 27.86 20.35 -12.58
C ARG A 189 27.48 19.69 -11.26
N ALA A 190 28.46 19.55 -10.36
CA ALA A 190 28.23 18.96 -9.06
C ALA A 190 27.24 19.79 -8.24
N ARG A 191 27.42 21.11 -8.25
CA ARG A 191 26.55 22.03 -7.51
C ARG A 191 25.11 21.99 -8.04
N MET A 192 24.96 22.02 -9.36
CA MET A 192 23.62 21.95 -9.96
C MET A 192 22.99 20.60 -9.65
N ALA A 193 23.80 19.53 -9.66
CA ALA A 193 23.30 18.19 -9.37
C ALA A 193 22.72 18.12 -7.96
N ALA A 194 23.34 18.83 -7.04
CA ALA A 194 22.90 18.90 -5.64
C ALA A 194 21.57 19.63 -5.52
N ALA A 195 21.48 20.78 -6.18
CA ALA A 195 20.21 21.54 -6.23
C ALA A 195 19.10 20.72 -6.89
N GLN A 196 19.45 19.95 -7.92
CA GLN A 196 18.49 19.08 -8.59
C GLN A 196 17.86 18.08 -7.60
N LYS A 197 18.69 17.50 -6.74
CA LYS A 197 18.18 16.52 -5.79
C LYS A 197 17.21 17.12 -4.76
N LEU A 198 17.30 18.43 -4.54
CA LEU A 198 16.42 19.13 -3.60
C LEU A 198 15.19 19.82 -4.20
N GLU A 199 15.04 19.77 -5.53
CA GLU A 199 13.92 20.39 -6.26
C GLU A 199 12.53 20.23 -5.65
N THR A 200 12.21 19.02 -5.21
CA THR A 200 10.88 18.72 -4.71
C THR A 200 10.61 19.16 -3.27
N LEU A 201 11.65 19.62 -2.57
CA LEU A 201 11.47 20.03 -1.18
C LEU A 201 11.75 21.51 -0.93
N THR A 202 12.27 22.23 -1.91
CA THR A 202 12.63 23.63 -1.68
C THR A 202 11.45 24.52 -1.24
N TRP A 203 10.32 24.45 -1.94
CA TRP A 203 9.18 25.30 -1.56
C TRP A 203 8.65 24.90 -0.19
N GLN A 204 8.49 23.59 0.01
CA GLN A 204 8.02 23.03 1.26
C GLN A 204 8.91 23.43 2.47
N PHE A 205 10.23 23.37 2.31
CA PHE A 205 11.15 23.72 3.38
C PHE A 205 11.15 25.24 3.60
N ARG A 206 11.23 26.00 2.52
CA ARG A 206 11.25 27.47 2.64
C ARG A 206 9.98 28.08 3.25
N ILE A 207 8.82 27.50 2.95
CA ILE A 207 7.56 28.03 3.51
C ILE A 207 7.37 27.62 4.97
N GLN A 208 8.03 26.54 5.38
CA GLN A 208 8.03 26.13 6.77
C GLN A 208 8.93 27.14 7.48
N GLY A 209 10.16 27.27 6.98
CA GLY A 209 11.13 28.21 7.50
C GLY A 209 11.86 27.73 8.75
N TRP A 210 12.75 28.57 9.26
CA TRP A 210 13.53 28.27 10.46
C TRP A 210 14.03 29.55 11.13
N ASN A 211 14.20 29.49 12.44
CA ASN A 211 14.79 30.59 13.18
C ASN A 211 16.32 30.50 13.11
N VAL A 212 16.82 29.27 13.04
CA VAL A 212 18.26 29.03 13.00
C VAL A 212 18.59 27.85 12.10
N ALA A 213 19.72 27.91 11.41
CA ALA A 213 20.18 26.81 10.58
C ALA A 213 21.50 26.30 11.15
N MET A 214 21.58 24.98 11.36
CA MET A 214 22.75 24.33 11.91
C MET A 214 23.27 23.25 10.95
N GLY A 215 24.59 23.12 10.86
CA GLY A 215 25.17 22.14 9.94
C GLY A 215 26.04 21.20 10.72
N ALA A 216 26.02 19.91 10.37
CA ALA A 216 26.79 18.92 11.08
C ALA A 216 27.77 18.15 10.18
N SER A 217 28.74 17.50 10.84
CA SER A 217 29.74 16.58 10.25
C SER A 217 30.92 17.28 9.52
N GLY A 218 31.74 16.45 8.87
CA GLY A 218 33.01 16.83 8.28
C GLY A 218 33.15 17.89 7.22
N THR A 219 32.25 17.88 6.24
CA THR A 219 32.29 18.84 5.18
C THR A 219 32.02 20.24 5.70
N ILE A 220 30.94 20.39 6.47
CA ILE A 220 30.59 21.71 7.03
C ILE A 220 31.65 22.20 8.01
N LYS A 221 32.16 21.28 8.82
CA LYS A 221 33.24 21.62 9.74
C LYS A 221 34.49 22.18 8.99
N ALA A 222 34.90 21.52 7.92
CA ALA A 222 36.05 21.98 7.15
C ALA A 222 35.80 23.34 6.49
N ALA A 223 34.58 23.55 6.01
CA ALA A 223 34.18 24.81 5.38
C ALA A 223 34.35 25.95 6.38
N HIS A 224 33.83 25.75 7.59
CA HIS A 224 33.95 26.73 8.66
C HIS A 224 35.42 27.00 9.03
N GLU A 225 36.22 25.95 9.14
CA GLU A 225 37.63 26.13 9.53
C GLU A 225 38.43 26.89 8.45
N VAL A 226 38.18 26.60 7.18
CA VAL A 226 38.91 27.30 6.11
C VAL A 226 38.51 28.78 6.10
N LEU A 227 37.24 29.06 6.40
CA LEU A 227 36.79 30.47 6.43
C LEU A 227 37.53 31.25 7.51
N MET A 228 37.67 30.66 8.70
CA MET A 228 38.40 31.34 9.78
C MET A 228 39.88 31.56 9.40
N GLU A 229 40.45 30.59 8.68
CA GLU A 229 41.82 30.72 8.23
C GLU A 229 41.97 31.81 7.19
N MET A 230 40.90 32.06 6.45
CA MET A 230 40.98 33.03 5.35
C MET A 230 40.43 34.38 5.70
N GLY A 231 40.45 34.69 7.00
CA GLY A 231 40.12 36.05 7.45
C GLY A 231 38.70 36.40 7.88
N GLU A 232 37.77 35.46 7.83
CA GLU A 232 36.40 35.80 8.25
C GLU A 232 36.35 36.11 9.78
N LYS A 233 35.68 37.22 10.12
CA LYS A 233 35.57 37.70 11.50
C LYS A 233 34.70 36.88 12.49
N ASP A 234 33.82 36.03 11.97
CA ASP A 234 32.94 35.17 12.79
C ASP A 234 32.69 33.84 12.09
N GLY A 235 32.19 32.86 12.83
CA GLY A 235 31.96 31.53 12.28
C GLY A 235 30.72 31.23 11.45
N ILE A 236 29.96 32.26 11.08
CA ILE A 236 28.73 32.06 10.30
C ILE A 236 29.00 31.71 8.83
N ILE A 237 28.40 30.64 8.31
CA ILE A 237 28.53 30.34 6.88
C ILE A 237 27.40 31.06 6.14
N THR A 238 27.75 31.86 5.13
CA THR A 238 26.79 32.63 4.35
C THR A 238 26.99 32.35 2.87
N PRO A 239 25.98 32.66 2.04
CA PRO A 239 26.12 32.51 0.57
C PRO A 239 27.36 33.25 0.01
N GLU A 240 27.65 34.46 0.49
CA GLU A 240 28.82 35.23 0.06
C GLU A 240 30.13 34.53 0.44
N ARG A 241 30.18 34.01 1.67
CA ARG A 241 31.39 33.34 2.17
C ARG A 241 31.63 32.02 1.44
N LEU A 242 30.54 31.34 1.05
CA LEU A 242 30.67 30.10 0.29
C LEU A 242 31.30 30.42 -1.07
N GLU A 243 30.88 31.53 -1.68
CA GLU A 243 31.45 31.96 -2.97
C GLU A 243 32.97 32.20 -2.84
N LYS A 244 33.39 32.72 -1.70
CA LYS A 244 34.83 32.91 -1.42
C LYS A 244 35.57 31.58 -1.41
N LEU A 245 34.94 30.55 -0.83
CA LEU A 245 35.53 29.23 -0.75
C LEU A 245 35.65 28.61 -2.13
N VAL A 246 34.61 28.76 -2.93
CA VAL A 246 34.62 28.25 -4.29
C VAL A 246 35.80 28.87 -5.08
N LYS A 247 35.94 30.19 -4.95
CA LYS A 247 36.99 30.91 -5.64
C LYS A 247 38.37 30.39 -5.23
N GLU A 248 38.55 30.10 -3.94
CA GLU A 248 39.82 29.56 -3.47
C GLU A 248 40.10 28.19 -4.05
N VAL A 249 39.07 27.32 -4.03
CA VAL A 249 39.19 25.96 -4.52
C VAL A 249 39.62 25.92 -5.99
N LEU A 250 39.05 26.82 -6.79
CA LEU A 250 39.31 26.87 -8.22
C LEU A 250 40.70 27.39 -8.57
N ARG A 251 41.49 27.77 -7.56
CA ARG A 251 42.85 28.21 -7.79
C ARG A 251 43.73 26.98 -7.96
N HIS A 252 43.20 25.82 -7.62
CA HIS A 252 43.93 24.55 -7.67
C HIS A 252 43.40 23.61 -8.77
N ARG A 253 44.32 22.86 -9.37
CA ARG A 253 44.00 21.95 -10.48
C ARG A 253 43.52 20.55 -10.08
N ASN A 254 43.88 20.09 -8.88
CA ASN A 254 43.53 18.75 -8.44
C ASN A 254 43.34 18.64 -6.94
N PHE A 255 42.51 17.69 -6.51
CA PHE A 255 42.34 17.43 -5.08
C PHE A 255 43.69 17.25 -4.40
N ALA A 256 44.64 16.63 -5.10
CA ALA A 256 45.97 16.39 -4.55
C ALA A 256 46.77 17.67 -4.28
N SER A 257 46.49 18.75 -5.02
CA SER A 257 47.20 20.03 -4.80
C SER A 257 46.30 21.09 -4.15
N LEU A 258 45.21 20.63 -3.53
CA LEU A 258 44.26 21.51 -2.84
C LEU A 258 44.82 22.01 -1.52
N SER A 259 45.72 22.99 -1.58
CA SER A 259 46.42 23.50 -0.40
C SER A 259 45.69 24.64 0.32
N LEU A 260 44.50 24.33 0.81
CA LEU A 260 43.68 25.27 1.55
C LEU A 260 44.09 25.21 3.01
N PRO A 261 44.31 26.36 3.64
CA PRO A 261 44.78 26.40 5.04
C PRO A 261 43.74 25.77 5.97
N GLY A 262 44.19 24.85 6.81
CA GLY A 262 43.32 24.17 7.75
C GLY A 262 42.75 22.84 7.30
N LEU A 263 43.02 22.44 6.06
CA LEU A 263 42.52 21.18 5.57
C LEU A 263 43.53 20.08 5.83
N SER A 264 43.05 18.95 6.32
CA SER A 264 43.91 17.81 6.58
C SER A 264 44.16 17.19 5.22
N GLU A 265 45.19 16.33 5.13
CA GLU A 265 45.48 15.65 3.86
C GLU A 265 44.28 14.78 3.46
N GLU A 266 43.61 14.19 4.46
CA GLU A 266 42.45 13.33 4.27
C GLU A 266 41.24 14.10 3.77
N ARG A 267 41.03 15.28 4.34
CA ARG A 267 39.88 16.11 3.98
C ARG A 267 40.01 16.61 2.53
N LYS A 268 41.25 16.81 2.08
CA LYS A 268 41.55 17.26 0.71
C LYS A 268 40.96 16.33 -0.37
N THR A 269 40.82 15.05 -0.05
CA THR A 269 40.28 14.07 -1.01
C THR A 269 38.77 14.20 -1.21
N VAL A 270 38.09 14.87 -0.28
CA VAL A 270 36.64 14.96 -0.35
C VAL A 270 36.06 16.35 -0.11
N PHE A 271 36.91 17.34 0.12
CA PHE A 271 36.40 18.69 0.41
C PHE A 271 35.64 19.35 -0.76
N VAL A 272 36.16 19.18 -1.96
CA VAL A 272 35.59 19.89 -3.11
C VAL A 272 34.16 19.40 -3.43
N PRO A 273 33.95 18.09 -3.59
CA PRO A 273 32.59 17.59 -3.83
C PRO A 273 31.64 17.95 -2.67
N GLY A 274 32.15 17.93 -1.44
CA GLY A 274 31.38 18.30 -0.27
C GLY A 274 30.94 19.75 -0.31
N LEU A 275 31.85 20.64 -0.68
CA LEU A 275 31.55 22.07 -0.81
C LEU A 275 30.52 22.31 -1.89
N ALA A 276 30.65 21.60 -3.01
CA ALA A 276 29.66 21.68 -4.09
C ALA A 276 28.26 21.35 -3.58
N ILE A 277 28.14 20.29 -2.78
CA ILE A 277 26.84 19.93 -2.23
C ILE A 277 26.37 21.04 -1.29
N LEU A 278 27.27 21.52 -0.42
CA LEU A 278 26.93 22.61 0.50
C LEU A 278 26.38 23.86 -0.27
N CYS A 279 27.05 24.25 -1.35
CA CYS A 279 26.60 25.34 -2.20
C CYS A 279 25.22 25.03 -2.79
N GLY A 280 25.05 23.78 -3.23
CA GLY A 280 23.79 23.32 -3.80
C GLY A 280 22.67 23.48 -2.78
N VAL A 281 22.94 23.16 -1.51
CA VAL A 281 21.97 23.27 -0.40
C VAL A 281 21.58 24.71 -0.14
N PHE A 282 22.58 25.58 0.02
CA PHE A 282 22.35 27.01 0.20
C PHE A 282 21.57 27.61 -0.97
N ASP A 283 21.92 27.22 -2.20
CA ASP A 283 21.22 27.69 -3.40
C ASP A 283 19.74 27.34 -3.34
N ALA A 284 19.47 26.08 -3.04
CA ALA A 284 18.11 25.55 -3.03
C ALA A 284 17.22 26.09 -1.89
N LEU A 285 17.77 26.18 -0.70
CA LEU A 285 16.97 26.60 0.45
C LEU A 285 17.11 28.08 0.79
N ALA A 286 18.09 28.73 0.15
CA ALA A 286 18.33 30.16 0.33
C ALA A 286 18.68 30.48 1.77
N ILE A 287 19.56 29.65 2.35
CA ILE A 287 20.02 29.84 3.71
C ILE A 287 20.89 31.09 3.75
N ARG A 288 20.64 31.97 4.72
CA ARG A 288 21.42 33.20 4.84
C ARG A 288 22.58 33.00 5.82
N GLU A 289 22.30 32.24 6.88
CA GLU A 289 23.28 32.03 7.96
C GLU A 289 23.21 30.61 8.48
N LEU A 290 24.37 29.94 8.52
CA LEU A 290 24.48 28.58 9.04
C LEU A 290 25.64 28.45 10.01
N ARG A 291 25.37 27.91 11.19
CA ARG A 291 26.42 27.69 12.18
C ARG A 291 26.70 26.19 12.30
N LEU A 292 27.94 25.86 12.68
CA LEU A 292 28.34 24.46 12.83
C LEU A 292 27.89 23.95 14.19
N SER A 293 27.34 22.74 14.23
CA SER A 293 26.95 22.06 15.46
C SER A 293 28.00 20.98 15.83
N ASP A 294 28.22 20.76 17.12
CA ASP A 294 29.15 19.73 17.59
C ASP A 294 28.43 18.38 17.74
N GLY A 295 27.10 18.42 17.68
CA GLY A 295 26.28 17.23 17.75
C GLY A 295 25.98 16.68 16.37
N ALA A 296 25.65 15.40 16.33
CA ALA A 296 25.33 14.71 15.09
C ALA A 296 24.62 13.39 15.41
N LEU A 297 24.85 12.41 14.54
CA LEU A 297 24.20 11.13 14.65
C LEU A 297 24.50 10.41 15.96
N ARG A 298 25.77 10.29 16.31
CA ARG A 298 26.12 9.48 17.47
C ARG A 298 25.47 10.04 18.76
N GLU A 299 25.39 11.37 18.88
CA GLU A 299 24.73 11.99 20.03
C GLU A 299 23.21 11.74 20.03
N GLY A 300 22.61 11.70 18.85
CA GLY A 300 21.18 11.40 18.77
C GLY A 300 20.93 9.97 19.23
N VAL A 301 21.80 9.06 18.81
CA VAL A 301 21.74 7.66 19.22
C VAL A 301 21.93 7.50 20.73
N LEU A 302 22.93 8.20 21.28
CA LEU A 302 23.23 8.17 22.71
C LEU A 302 22.02 8.64 23.54
N TYR A 303 21.41 9.75 23.15
CA TYR A 303 20.24 10.23 23.88
C TYR A 303 19.01 9.31 23.71
N GLU A 304 18.90 8.64 22.56
CA GLU A 304 17.78 7.73 22.30
C GLU A 304 17.86 6.50 23.21
N MET A 305 19.03 5.89 23.27
CA MET A 305 19.21 4.70 24.09
C MET A 305 18.97 5.01 25.58
N GLU A 306 19.39 6.20 26.01
CA GLU A 306 19.21 6.63 27.41
C GLU A 306 17.75 6.85 27.74
N GLY A 307 17.01 7.42 26.80
CA GLY A 307 15.59 7.69 26.99
C GLY A 307 14.84 6.37 27.14
N ARG A 308 15.24 5.35 26.36
CA ARG A 308 14.65 4.02 26.45
C ARG A 308 14.89 3.37 27.83
N PHE A 309 16.07 3.59 28.42
CA PHE A 309 16.31 3.07 29.78
C PHE A 309 15.31 3.71 30.75
N ARG A 310 14.84 4.90 30.39
CA ARG A 310 13.84 5.63 31.18
C ARG A 310 12.42 5.39 30.64
N HIS A 311 12.29 4.35 29.82
CA HIS A 311 11.03 3.92 29.20
C HIS A 311 10.41 4.95 28.23
N GLN A 312 11.22 5.87 27.73
CA GLN A 312 10.81 6.76 26.65
C GLN A 312 11.23 6.09 25.37
N ASP A 313 10.26 5.59 24.62
CA ASP A 313 10.53 4.90 23.39
C ASP A 313 9.69 5.56 22.32
N VAL A 314 10.31 6.29 21.39
CA VAL A 314 9.52 6.94 20.34
C VAL A 314 8.70 5.94 19.49
N ARG A 315 9.11 4.66 19.45
CA ARG A 315 8.38 3.67 18.66
C ARG A 315 6.94 3.52 19.13
N SER A 316 6.70 3.76 20.42
CA SER A 316 5.37 3.72 21.01
C SER A 316 4.52 4.80 20.36
N ARG A 317 5.09 5.98 20.22
CA ARG A 317 4.42 7.10 19.57
C ARG A 317 4.20 6.82 18.08
N THR A 318 5.19 6.20 17.45
CA THR A 318 5.08 5.79 16.04
C THR A 318 3.88 4.86 15.83
N ALA A 319 3.74 3.87 16.70
CA ALA A 319 2.65 2.93 16.59
C ALA A 319 1.31 3.61 16.86
N SER A 320 1.25 4.47 17.88
CA SER A 320 0.02 5.17 18.19
C SER A 320 -0.41 6.14 17.07
N SER A 321 0.54 6.82 16.46
CA SER A 321 0.25 7.71 15.31
C SER A 321 -0.22 6.94 14.05
N LEU A 322 0.39 5.77 13.80
CA LEU A 322 -0.05 4.91 12.69
C LEU A 322 -1.50 4.50 12.87
N ALA A 323 -1.86 4.10 14.09
CA ALA A 323 -3.27 3.78 14.43
C ALA A 323 -4.22 4.93 14.10
N ASN A 324 -3.83 6.17 14.39
CA ASN A 324 -4.68 7.32 14.06
C ASN A 324 -4.72 7.59 12.58
N GLN A 325 -3.53 7.60 11.95
CA GLN A 325 -3.48 7.86 10.49
C GLN A 325 -4.37 6.94 9.68
N TYR A 326 -4.41 5.67 10.09
CA TYR A 326 -5.12 4.60 9.36
C TYR A 326 -6.46 4.16 9.95
N HIS A 327 -6.91 4.91 10.94
CA HIS A 327 -8.19 4.71 11.62
C HIS A 327 -8.41 3.28 12.05
N ILE A 328 -7.42 2.78 12.77
CA ILE A 328 -7.45 1.42 13.27
C ILE A 328 -8.45 1.32 14.41
N ASP A 329 -9.28 0.27 14.39
CA ASP A 329 -10.23 -0.03 15.47
C ASP A 329 -9.38 -0.40 16.70
N SER A 330 -9.32 0.50 17.67
CA SER A 330 -8.50 0.28 18.85
C SER A 330 -9.04 -0.85 19.71
N GLU A 331 -10.38 -1.03 19.75
CA GLU A 331 -10.98 -2.06 20.60
C GLU A 331 -10.62 -3.44 20.03
N GLN A 332 -10.67 -3.58 18.71
CA GLN A 332 -10.26 -4.82 18.09
C GLN A 332 -8.75 -5.09 18.27
N ALA A 333 -7.95 -4.02 18.12
CA ALA A 333 -6.49 -4.17 18.26
C ALA A 333 -6.16 -4.74 19.65
N ARG A 334 -6.81 -4.16 20.66
CA ARG A 334 -6.63 -4.58 22.05
C ARG A 334 -7.12 -6.00 22.30
N ARG A 335 -8.25 -6.40 21.69
CA ARG A 335 -8.71 -7.77 21.84
C ARG A 335 -7.68 -8.78 21.30
N VAL A 336 -7.17 -8.49 20.11
CA VAL A 336 -6.18 -9.37 19.46
C VAL A 336 -4.88 -9.38 20.27
N LEU A 337 -4.46 -8.21 20.74
CA LEU A 337 -3.26 -8.14 21.57
C LEU A 337 -3.44 -9.01 22.81
N ASP A 338 -4.58 -8.88 23.49
CA ASP A 338 -4.78 -9.61 24.74
C ASP A 338 -4.75 -11.12 24.52
N THR A 339 -5.42 -11.58 23.47
CA THR A 339 -5.49 -12.98 23.14
C THR A 339 -4.10 -13.50 22.80
N THR A 340 -3.40 -12.79 21.91
CA THR A 340 -2.08 -13.20 21.43
C THR A 340 -1.08 -13.32 22.57
N MET A 341 -1.07 -12.32 23.43
CA MET A 341 -0.10 -12.30 24.53
C MET A 341 -0.42 -13.28 25.66
N GLN A 342 -1.70 -13.62 25.83
CA GLN A 342 -2.08 -14.63 26.84
C GLN A 342 -1.47 -15.99 26.42
N MET A 343 -1.42 -16.25 25.13
CA MET A 343 -0.81 -17.47 24.57
C MET A 343 0.73 -17.34 24.57
N TYR A 344 1.23 -16.17 24.15
CA TYR A 344 2.66 -15.89 24.24
C TYR A 344 3.32 -16.25 25.58
N GLU A 345 2.71 -15.84 26.70
CA GLU A 345 3.30 -16.09 28.01
C GLU A 345 3.46 -17.58 28.26
N GLN A 346 2.52 -18.37 27.73
CA GLN A 346 2.59 -19.82 27.90
C GLN A 346 3.69 -20.39 26.98
N TRP A 347 3.71 -19.96 25.73
CA TRP A 347 4.76 -20.38 24.81
C TRP A 347 6.14 -20.09 25.46
N ARG A 348 6.33 -18.86 25.93
CA ARG A 348 7.59 -18.45 26.59
C ARG A 348 7.92 -19.36 27.77
N GLU A 349 6.91 -19.68 28.57
CA GLU A 349 7.03 -20.54 29.75
C GLU A 349 7.59 -21.93 29.42
N GLN A 350 7.21 -22.43 28.24
CA GLN A 350 7.57 -23.76 27.78
C GLN A 350 8.86 -23.83 26.94
N GLN A 351 9.23 -22.70 26.34
CA GLN A 351 10.43 -22.60 25.51
C GLN A 351 11.21 -21.31 25.86
N PRO A 352 11.67 -21.17 27.11
CA PRO A 352 12.30 -19.90 27.55
C PRO A 352 13.56 -19.41 26.80
N LYS A 353 14.37 -20.34 26.27
CA LYS A 353 15.59 -19.92 25.54
C LYS A 353 15.29 -19.21 24.20
N LEU A 354 14.06 -19.36 23.69
CA LEU A 354 13.65 -18.79 22.40
C LEU A 354 12.95 -17.44 22.52
N ALA A 355 12.56 -17.08 23.74
CA ALA A 355 11.88 -15.83 23.99
C ALA A 355 12.86 -14.69 24.22
N HIS A 356 12.65 -13.60 23.50
CA HIS A 356 13.49 -12.41 23.58
C HIS A 356 12.61 -11.18 23.62
N PRO A 357 12.87 -10.30 24.57
CA PRO A 357 12.08 -9.08 24.78
C PRO A 357 11.98 -8.21 23.52
N GLN A 358 13.00 -8.16 22.68
CA GLN A 358 12.89 -7.32 21.46
C GLN A 358 11.80 -7.86 20.52
N LEU A 359 11.83 -9.16 20.29
CA LEU A 359 10.79 -9.79 19.46
C LEU A 359 9.42 -9.75 20.11
N GLU A 360 9.38 -9.79 21.44
CA GLU A 360 8.11 -9.68 22.14
C GLU A 360 7.47 -8.31 21.82
N ALA A 361 8.28 -7.26 21.92
CA ALA A 361 7.83 -5.92 21.58
C ALA A 361 7.29 -5.83 20.14
N LEU A 362 7.98 -6.49 19.21
CA LEU A 362 7.60 -6.47 17.80
C LEU A 362 6.31 -7.23 17.58
N LEU A 363 6.12 -8.34 18.33
CA LEU A 363 4.86 -9.09 18.24
C LEU A 363 3.70 -8.22 18.76
N ARG A 364 3.92 -7.54 19.89
CA ARG A 364 2.90 -6.64 20.49
C ARG A 364 2.44 -5.54 19.51
N TRP A 365 3.39 -4.90 18.84
CA TRP A 365 3.08 -3.90 17.81
C TRP A 365 2.44 -4.56 16.59
N ALA A 366 2.89 -5.77 16.18
CA ALA A 366 2.22 -6.44 15.07
C ALA A 366 0.74 -6.69 15.37
N ALA A 367 0.44 -7.11 16.59
CA ALA A 367 -0.95 -7.35 16.97
C ALA A 367 -1.73 -6.03 16.93
N MET A 368 -1.13 -4.98 17.44
CA MET A 368 -1.78 -3.68 17.46
C MET A 368 -1.99 -3.08 16.06
N LEU A 369 -1.11 -3.45 15.12
CA LEU A 369 -1.18 -2.89 13.77
C LEU A 369 -1.62 -3.83 12.61
N HIS A 370 -2.09 -5.04 12.91
CA HIS A 370 -2.45 -5.99 11.83
C HIS A 370 -3.53 -5.48 10.90
N GLU A 371 -4.41 -4.59 11.38
CA GLU A 371 -5.45 -4.02 10.53
C GLU A 371 -5.08 -2.65 9.93
N VAL A 372 -3.81 -2.27 9.98
CA VAL A 372 -3.39 -0.96 9.43
C VAL A 372 -3.79 -0.77 7.93
N GLY A 373 -3.88 -1.87 7.18
CA GLY A 373 -4.15 -1.83 5.75
C GLY A 373 -5.66 -1.99 5.44
N LEU A 374 -6.51 -1.98 6.47
CA LEU A 374 -7.95 -2.20 6.25
C LEU A 374 -8.60 -1.10 5.43
N ASN A 375 -8.16 0.13 5.63
CA ASN A 375 -8.73 1.22 4.84
C ASN A 375 -8.32 1.11 3.33
N ILE A 376 -7.32 0.30 3.02
CA ILE A 376 -7.06 -0.04 1.62
C ILE A 376 -8.12 -1.12 1.27
N ASN A 377 -8.03 -2.30 1.90
CA ASN A 377 -9.04 -3.35 1.69
C ASN A 377 -9.01 -4.48 2.69
N HIS A 378 -10.18 -5.06 2.97
CA HIS A 378 -10.20 -6.28 3.78
C HIS A 378 -9.64 -7.45 2.92
N SER A 379 -10.00 -7.48 1.64
CA SER A 379 -9.46 -8.44 0.70
C SER A 379 -7.94 -8.22 0.63
N GLY A 380 -7.15 -9.24 0.95
CA GLY A 380 -5.69 -9.13 0.89
C GLY A 380 -5.13 -8.31 2.04
N LEU A 381 -5.94 -8.13 3.09
CA LEU A 381 -5.59 -7.30 4.24
C LEU A 381 -4.16 -7.50 4.77
N HIS A 382 -3.78 -8.76 4.96
CA HIS A 382 -2.41 -9.05 5.47
C HIS A 382 -1.33 -8.50 4.53
N ARG A 383 -1.60 -8.53 3.25
CA ARG A 383 -0.61 -7.99 2.30
C ARG A 383 -0.57 -6.48 2.33
N HIS A 384 -1.76 -5.86 2.44
CA HIS A 384 -1.84 -4.39 2.48
C HIS A 384 -1.26 -3.85 3.78
N SER A 385 -1.57 -4.50 4.90
CA SER A 385 -0.97 -4.09 6.18
C SER A 385 0.53 -4.24 6.15
N ALA A 386 1.02 -5.34 5.59
CA ALA A 386 2.46 -5.51 5.50
C ALA A 386 3.08 -4.47 4.57
N TYR A 387 2.38 -4.14 3.48
CA TYR A 387 2.89 -3.12 2.54
C TYR A 387 3.14 -1.80 3.25
N ILE A 388 2.16 -1.36 4.01
CA ILE A 388 2.27 -0.09 4.72
C ILE A 388 3.41 -0.17 5.72
N LEU A 389 3.44 -1.23 6.51
CA LEU A 389 4.48 -1.31 7.54
C LEU A 389 5.92 -1.41 7.00
N GLN A 390 6.09 -2.09 5.86
CA GLN A 390 7.40 -2.24 5.25
C GLN A 390 7.89 -0.97 4.56
N ASN A 391 6.97 -0.19 4.02
CA ASN A 391 7.36 0.97 3.22
C ASN A 391 7.26 2.34 3.86
N SER A 392 6.65 2.42 5.04
CA SER A 392 6.47 3.72 5.68
C SER A 392 7.74 4.18 6.42
N ASP A 393 7.73 5.45 6.88
CA ASP A 393 8.80 5.94 7.73
C ASP A 393 8.32 5.73 9.15
N LEU A 394 9.05 4.88 9.91
CA LEU A 394 8.70 4.52 11.28
C LEU A 394 9.75 4.97 12.30
N PRO A 395 9.64 6.20 12.82
CA PRO A 395 10.64 6.72 13.79
C PRO A 395 10.89 5.74 14.94
N GLY A 396 12.18 5.54 15.21
CA GLY A 396 12.65 4.68 16.29
C GLY A 396 12.99 3.25 15.86
N PHE A 397 12.46 2.81 14.72
CA PHE A 397 12.73 1.46 14.20
C PHE A 397 13.99 1.42 13.34
N ASN A 398 14.82 0.36 13.49
CA ASN A 398 15.90 0.13 12.56
C ASN A 398 15.32 -0.68 11.41
N GLN A 399 16.13 -0.98 10.40
CA GLN A 399 15.59 -1.65 9.21
C GLN A 399 15.03 -3.04 9.49
N GLU A 400 15.78 -3.84 10.24
CA GLU A 400 15.34 -5.23 10.50
C GLU A 400 14.13 -5.30 11.40
N GLN A 401 14.03 -4.37 12.37
CA GLN A 401 12.84 -4.29 13.24
C GLN A 401 11.60 -3.98 12.44
N GLN A 402 11.74 -3.01 11.54
CA GLN A 402 10.61 -2.62 10.70
C GLN A 402 10.15 -3.79 9.81
N LEU A 403 11.11 -4.42 9.16
CA LEU A 403 10.81 -5.54 8.28
C LEU A 403 10.23 -6.73 9.05
N MET A 404 10.73 -6.98 10.26
CA MET A 404 10.17 -8.06 11.11
C MET A 404 8.71 -7.84 11.42
N MET A 405 8.37 -6.61 11.85
CA MET A 405 6.99 -6.26 12.18
C MET A 405 6.07 -6.42 10.97
N ALA A 406 6.54 -6.01 9.79
CA ALA A 406 5.80 -6.21 8.56
C ALA A 406 5.61 -7.69 8.24
N THR A 407 6.68 -8.48 8.47
CA THR A 407 6.68 -9.92 8.22
C THR A 407 5.65 -10.64 9.10
N LEU A 408 5.64 -10.33 10.38
CA LEU A 408 4.64 -10.97 11.26
C LEU A 408 3.23 -10.67 10.74
N VAL A 409 3.01 -9.41 10.33
CA VAL A 409 1.70 -9.04 9.83
C VAL A 409 1.35 -9.69 8.46
N ARG A 410 2.36 -9.80 7.58
CA ARG A 410 2.20 -10.40 6.25
C ARG A 410 1.59 -11.79 6.30
N TYR A 411 1.92 -12.54 7.34
CA TYR A 411 1.43 -13.92 7.43
C TYR A 411 0.32 -14.15 8.46
N HIS A 412 -0.39 -13.09 8.84
CA HIS A 412 -1.35 -13.25 9.96
C HIS A 412 -2.70 -13.94 9.67
N ARG A 413 -2.98 -14.20 8.40
CA ARG A 413 -4.23 -14.84 7.96
C ARG A 413 -4.08 -15.45 6.56
N LYS A 414 -5.03 -16.33 6.21
CA LYS A 414 -5.11 -17.03 4.94
C LYS A 414 -3.90 -17.95 4.69
N ALA A 415 -3.79 -18.48 3.47
CA ALA A 415 -2.74 -19.49 3.15
C ALA A 415 -1.35 -18.98 3.44
N ILE A 416 -0.54 -19.85 4.04
CA ILE A 416 0.82 -19.50 4.44
C ILE A 416 1.76 -20.49 3.83
N LYS A 417 2.70 -19.92 3.10
CA LYS A 417 3.80 -20.62 2.51
C LYS A 417 4.90 -19.65 2.90
N LEU A 418 5.97 -20.22 3.42
CA LEU A 418 7.03 -19.37 3.89
C LEU A 418 8.19 -19.40 2.92
N ASP A 419 7.89 -19.58 1.63
CA ASP A 419 8.93 -19.58 0.61
C ASP A 419 9.64 -18.25 0.56
N ASP A 420 8.90 -17.16 0.76
CA ASP A 420 9.50 -15.86 0.54
C ASP A 420 9.94 -15.13 1.80
N LEU A 421 10.08 -15.89 2.89
CA LEU A 421 10.47 -15.33 4.18
C LEU A 421 11.82 -14.66 4.05
N PRO A 422 11.92 -13.41 4.48
CA PRO A 422 13.19 -12.67 4.43
C PRO A 422 14.21 -13.23 5.43
N ARG A 423 15.47 -12.98 5.15
CA ARG A 423 16.54 -13.36 6.05
C ARG A 423 16.72 -12.18 7.02
N PHE A 424 17.12 -12.47 8.27
CA PHE A 424 17.42 -11.39 9.23
C PHE A 424 18.77 -11.65 9.88
N THR A 425 19.58 -10.62 10.06
CA THR A 425 20.84 -10.82 10.76
C THR A 425 20.61 -10.81 12.26
N LEU A 426 19.60 -10.07 12.69
CA LEU A 426 19.31 -9.87 14.12
C LEU A 426 18.35 -10.88 14.74
N PHE A 427 17.57 -11.59 13.90
CA PHE A 427 16.58 -12.55 14.39
C PHE A 427 16.67 -13.90 13.69
N LYS A 428 16.39 -14.97 14.43
CA LYS A 428 16.48 -16.32 13.86
C LYS A 428 15.10 -16.91 13.70
N LYS A 429 14.91 -17.77 12.70
CA LYS A 429 13.57 -18.37 12.47
C LYS A 429 12.98 -19.06 13.71
N LYS A 430 13.83 -19.74 14.49
CA LYS A 430 13.35 -20.43 15.68
C LYS A 430 12.75 -19.45 16.70
N GLN A 431 13.17 -18.20 16.64
CA GLN A 431 12.69 -17.18 17.57
C GLN A 431 11.43 -16.49 17.07
N PHE A 432 11.25 -16.35 15.75
CA PHE A 432 10.12 -15.52 15.29
C PHE A 432 8.99 -16.28 14.61
N LEU A 433 9.25 -17.46 14.07
CA LEU A 433 8.16 -18.27 13.49
C LEU A 433 7.04 -18.54 14.51
N PRO A 434 7.37 -18.85 15.77
CA PRO A 434 6.31 -19.06 16.76
C PRO A 434 5.53 -17.78 16.99
N LEU A 435 6.10 -16.61 16.75
CA LEU A 435 5.33 -15.36 16.90
C LEU A 435 4.28 -15.28 15.79
N ILE A 436 4.59 -15.82 14.60
CA ILE A 436 3.60 -15.86 13.52
C ILE A 436 2.46 -16.78 13.93
N GLN A 437 2.81 -17.94 14.47
CA GLN A 437 1.77 -18.88 14.95
C GLN A 437 0.87 -18.22 15.99
N LEU A 438 1.48 -17.52 16.94
CA LEU A 438 0.69 -16.87 17.99
C LEU A 438 -0.20 -15.78 17.45
N LEU A 439 0.34 -14.92 16.56
CA LEU A 439 -0.49 -13.85 16.01
C LEU A 439 -1.65 -14.40 15.17
N ARG A 440 -1.39 -15.40 14.35
CA ARG A 440 -2.45 -16.01 13.54
C ARG A 440 -3.60 -16.51 14.43
N LEU A 441 -3.26 -17.18 15.52
CA LEU A 441 -4.30 -17.68 16.44
C LEU A 441 -5.01 -16.51 17.14
N GLY A 442 -4.25 -15.51 17.57
CA GLY A 442 -4.82 -14.37 18.29
C GLY A 442 -5.84 -13.59 17.45
N VAL A 443 -5.53 -13.46 16.16
CA VAL A 443 -6.41 -12.75 15.23
C VAL A 443 -7.67 -13.55 14.97
N LEU A 444 -7.49 -14.82 14.62
CA LEU A 444 -8.58 -15.70 14.25
C LEU A 444 -9.65 -15.79 15.34
N LEU A 445 -9.20 -15.86 16.59
CA LEU A 445 -10.11 -16.04 17.71
C LEU A 445 -10.95 -14.80 17.97
N ASN A 446 -10.56 -13.71 17.32
CA ASN A 446 -11.30 -12.46 17.46
C ASN A 446 -12.02 -12.04 16.19
N ASN A 447 -12.21 -12.97 15.25
CA ASN A 447 -12.90 -12.66 13.99
C ASN A 447 -14.25 -11.96 14.18
N GLN A 448 -15.00 -12.34 15.21
CA GLN A 448 -16.35 -11.80 15.42
C GLN A 448 -16.40 -10.39 16.01
N ARG A 449 -15.22 -9.81 16.20
CA ARG A 449 -15.06 -8.45 16.69
C ARG A 449 -15.79 -8.28 18.01
N GLN A 450 -16.69 -7.31 18.11
CA GLN A 450 -17.39 -7.11 19.39
C GLN A 450 -18.29 -8.28 19.84
N ALA A 451 -18.68 -9.14 18.90
CA ALA A 451 -19.48 -10.30 19.24
C ALA A 451 -18.63 -11.48 19.74
N THR A 452 -17.32 -11.30 19.77
CA THR A 452 -16.37 -12.36 20.20
C THR A 452 -16.65 -12.76 21.64
N THR A 453 -16.79 -14.05 21.83
CA THR A 453 -16.91 -14.64 23.13
C THR A 453 -15.48 -15.04 23.40
N THR A 454 -14.94 -14.50 24.48
CA THR A 454 -13.60 -14.80 24.93
C THR A 454 -13.69 -15.93 25.95
N PRO A 455 -12.99 -17.06 25.77
CA PRO A 455 -13.06 -18.14 26.75
C PRO A 455 -12.45 -17.67 28.07
N PRO A 456 -13.05 -18.02 29.22
CA PRO A 456 -12.49 -17.66 30.52
C PRO A 456 -11.09 -18.23 30.73
N THR A 457 -10.76 -19.33 30.04
CA THR A 457 -9.44 -19.92 30.12
C THR A 457 -9.06 -20.44 28.75
N LEU A 458 -7.77 -20.44 28.44
CA LEU A 458 -7.31 -21.01 27.18
C LEU A 458 -5.89 -21.53 27.33
N THR A 459 -5.73 -22.85 27.29
CA THR A 459 -4.43 -23.43 27.52
C THR A 459 -3.74 -23.77 26.22
N LEU A 460 -2.48 -23.38 26.13
CA LEU A 460 -1.60 -23.68 24.99
C LEU A 460 -0.52 -24.66 25.43
N ILE A 461 -0.45 -25.81 24.75
CA ILE A 461 0.56 -26.78 25.08
C ILE A 461 1.42 -26.94 23.86
N THR A 462 2.73 -26.74 23.98
CA THR A 462 3.59 -26.86 22.80
C THR A 462 4.55 -28.04 22.89
N ASP A 463 4.76 -28.68 21.73
CA ASP A 463 5.77 -29.71 21.58
C ASP A 463 6.44 -29.29 20.29
N ASP A 464 7.53 -28.52 20.39
CA ASP A 464 8.16 -27.92 19.19
C ASP A 464 7.04 -27.12 18.47
N SER A 465 6.81 -27.32 17.17
CA SER A 465 5.73 -26.58 16.49
C SER A 465 4.41 -27.36 16.37
N HIS A 466 4.28 -28.42 17.16
CA HIS A 466 3.04 -29.18 17.28
C HIS A 466 2.36 -28.58 18.49
N TRP A 467 1.37 -27.72 18.25
CA TRP A 467 0.67 -27.03 19.34
C TRP A 467 -0.74 -27.54 19.56
N THR A 468 -1.16 -27.54 20.83
CA THR A 468 -2.52 -27.91 21.23
C THR A 468 -3.16 -26.72 21.97
N LEU A 469 -4.38 -26.35 21.58
CA LEU A 469 -5.13 -25.32 22.27
C LEU A 469 -6.30 -26.01 22.95
N ARG A 470 -6.37 -25.88 24.26
CA ARG A 470 -7.41 -26.54 25.05
C ARG A 470 -8.38 -25.52 25.63
N PHE A 471 -9.64 -25.62 25.20
CA PHE A 471 -10.72 -24.70 25.60
C PHE A 471 -11.52 -25.26 26.74
N PRO A 472 -12.34 -24.43 27.41
CA PRO A 472 -13.19 -24.94 28.49
C PRO A 472 -14.20 -26.03 28.08
N HIS A 473 -14.62 -26.82 29.06
CA HIS A 473 -15.58 -27.88 28.82
C HIS A 473 -16.82 -27.33 28.10
N ASP A 474 -17.18 -27.99 27.01
CA ASP A 474 -18.35 -27.67 26.17
C ASP A 474 -18.35 -26.26 25.55
N TRP A 475 -17.20 -25.59 25.53
CA TRP A 475 -17.11 -24.24 24.99
C TRP A 475 -17.62 -24.11 23.53
N PHE A 476 -17.24 -25.03 22.64
CA PHE A 476 -17.61 -24.87 21.22
C PHE A 476 -19.09 -25.09 20.93
N SER A 477 -19.82 -25.66 21.90
CA SER A 477 -21.25 -25.87 21.72
C SER A 477 -21.93 -24.50 21.58
N GLN A 478 -21.36 -23.47 22.18
CA GLN A 478 -21.92 -22.13 22.03
C GLN A 478 -21.07 -21.23 21.16
N ASN A 479 -20.03 -21.81 20.53
CA ASN A 479 -19.07 -21.07 19.69
C ASN A 479 -18.71 -21.87 18.45
N ALA A 480 -19.75 -22.35 17.74
CA ALA A 480 -19.52 -23.24 16.60
C ALA A 480 -18.73 -22.61 15.47
N LEU A 481 -18.96 -21.33 15.21
CA LEU A 481 -18.23 -20.66 14.12
C LEU A 481 -16.72 -20.60 14.41
N VAL A 482 -16.37 -20.38 15.69
CA VAL A 482 -14.96 -20.35 16.07
C VAL A 482 -14.30 -21.69 15.77
N LEU A 483 -15.02 -22.80 16.06
CA LEU A 483 -14.50 -24.11 15.76
C LEU A 483 -14.22 -24.28 14.24
N LEU A 484 -15.15 -23.82 13.40
CA LEU A 484 -14.90 -23.87 11.95
C LEU A 484 -13.63 -23.09 11.56
N ASP A 485 -13.43 -21.93 12.16
CA ASP A 485 -12.26 -21.12 11.86
C ASP A 485 -10.97 -21.84 12.30
N LEU A 486 -11.04 -22.55 13.43
CA LEU A 486 -9.90 -23.28 13.95
C LEU A 486 -9.59 -24.49 13.06
N GLU A 487 -10.64 -25.16 12.57
CA GLU A 487 -10.47 -26.33 11.72
C GLU A 487 -9.79 -25.89 10.41
N LYS A 488 -10.15 -24.71 9.92
CA LYS A 488 -9.50 -24.15 8.71
C LYS A 488 -8.02 -23.87 9.00
N GLU A 489 -7.73 -23.28 10.17
CA GLU A 489 -6.34 -23.00 10.57
C GLU A 489 -5.51 -24.29 10.64
N GLN A 490 -6.11 -25.38 11.15
CA GLN A 490 -5.44 -26.67 11.19
C GLN A 490 -4.99 -27.06 9.78
N GLU A 491 -5.87 -26.90 8.80
CA GLU A 491 -5.51 -27.22 7.41
C GLU A 491 -4.38 -26.29 6.91
N TYR A 492 -4.42 -25.03 7.29
CA TYR A 492 -3.38 -24.09 6.85
C TYR A 492 -2.03 -24.52 7.40
N TRP A 493 -2.01 -24.97 8.66
CA TRP A 493 -0.74 -25.40 9.25
C TRP A 493 -0.19 -26.67 8.59
N GLU A 494 -1.03 -27.47 7.94
CA GLU A 494 -0.56 -28.68 7.30
C GLU A 494 0.36 -28.34 6.12
N GLY A 495 0.30 -27.10 5.65
CA GLY A 495 1.11 -26.73 4.49
C GLY A 495 2.52 -26.40 4.90
N VAL A 496 2.68 -26.05 6.16
CA VAL A 496 3.95 -25.61 6.73
C VAL A 496 4.65 -26.77 7.46
N ALA A 497 5.80 -27.16 6.93
CA ALA A 497 6.52 -28.30 7.50
C ALA A 497 6.84 -28.09 8.98
N GLY A 498 6.52 -29.09 9.80
CA GLY A 498 6.78 -29.02 11.22
C GLY A 498 5.62 -28.45 12.03
N TRP A 499 4.77 -27.66 11.41
CA TRP A 499 3.61 -27.11 12.14
C TRP A 499 2.40 -28.04 12.16
N ARG A 500 1.77 -28.18 13.33
CA ARG A 500 0.56 -28.98 13.46
C ARG A 500 -0.25 -28.37 14.59
N LEU A 501 -1.56 -28.21 14.35
CA LEU A 501 -2.44 -27.63 15.36
C LEU A 501 -3.49 -28.63 15.81
N LYS A 502 -3.61 -28.82 17.13
CA LYS A 502 -4.63 -29.71 17.69
C LYS A 502 -5.56 -28.88 18.56
N ILE A 503 -6.87 -29.12 18.45
CA ILE A 503 -7.88 -28.44 19.24
C ILE A 503 -8.50 -29.42 20.25
N GLU A 504 -8.56 -29.03 21.52
CA GLU A 504 -9.17 -29.85 22.55
C GLU A 504 -10.11 -29.00 23.42
N GLU A 505 -10.93 -29.69 24.22
CA GLU A 505 -11.81 -29.08 25.19
C GLU A 505 -11.61 -29.84 26.48
N GLU A 506 -11.71 -29.18 27.62
CA GLU A 506 -11.63 -29.91 28.90
C GLU A 506 -12.75 -30.95 28.98
N SER A 507 -12.45 -32.07 29.62
CA SER A 507 -13.40 -33.18 29.75
C SER A 507 -14.55 -32.95 30.72
N THR A 508 -15.53 -33.87 30.69
CA THR A 508 -16.63 -33.85 31.65
C THR A 508 -15.98 -33.71 33.05
N PRO A 509 -16.33 -32.65 33.80
CA PRO A 509 -15.79 -32.41 35.15
C PRO A 509 -15.84 -33.63 36.10
N GLU B 12 -33.53 4.67 -26.13
CA GLU B 12 -33.47 3.25 -25.64
C GLU B 12 -32.09 2.87 -25.14
N PHE B 13 -32.01 2.35 -23.93
CA PHE B 13 -30.74 1.87 -23.45
C PHE B 13 -30.93 0.59 -22.62
N ALA B 14 -29.85 -0.16 -22.43
CA ALA B 14 -29.92 -1.46 -21.78
C ALA B 14 -28.78 -1.72 -20.83
N ALA B 15 -29.11 -2.42 -19.74
CA ALA B 15 -28.13 -2.85 -18.75
C ALA B 15 -28.18 -4.37 -18.71
N VAL B 16 -27.00 -5.01 -18.69
CA VAL B 16 -26.89 -6.46 -18.72
C VAL B 16 -25.93 -6.93 -17.63
N ASP B 17 -26.26 -8.03 -16.96
CA ASP B 17 -25.29 -8.55 -16.00
C ASP B 17 -25.16 -10.04 -16.21
N LEU B 18 -23.92 -10.52 -16.19
CA LEU B 18 -23.61 -11.92 -16.42
C LEU B 18 -23.31 -12.54 -15.07
N GLY B 19 -24.35 -13.11 -14.49
CA GLY B 19 -24.32 -13.71 -13.16
C GLY B 19 -23.85 -15.16 -13.19
N SER B 20 -23.92 -15.81 -12.04
CA SER B 20 -23.43 -17.17 -11.88
C SER B 20 -24.44 -18.25 -12.14
N ASN B 21 -25.71 -17.87 -11.98
CA ASN B 21 -26.83 -18.73 -12.31
C ASN B 21 -27.54 -18.12 -13.53
N SER B 22 -28.13 -16.93 -13.37
CA SER B 22 -28.80 -16.23 -14.49
C SER B 22 -28.01 -15.07 -15.10
N PHE B 23 -28.23 -14.83 -16.40
CA PHE B 23 -27.76 -13.63 -17.05
C PHE B 23 -29.05 -12.78 -17.08
N HIS B 24 -28.94 -11.48 -16.88
CA HIS B 24 -30.10 -10.62 -16.87
C HIS B 24 -29.93 -9.43 -17.78
N MET B 25 -31.05 -8.89 -18.24
CA MET B 25 -31.08 -7.65 -19.02
C MET B 25 -32.31 -6.83 -18.65
N VAL B 26 -32.12 -5.51 -18.70
CA VAL B 26 -33.24 -4.59 -18.60
C VAL B 26 -33.07 -3.56 -19.72
N ILE B 27 -34.17 -3.25 -20.40
CA ILE B 27 -34.20 -2.22 -21.45
C ILE B 27 -35.15 -1.12 -21.00
N ALA B 28 -34.74 0.12 -21.22
CA ALA B 28 -35.53 1.27 -20.80
C ALA B 28 -35.37 2.49 -21.70
N ARG B 29 -36.10 3.55 -21.38
CA ARG B 29 -36.02 4.83 -22.05
C ARG B 29 -36.42 5.88 -21.02
N VAL B 30 -35.90 7.11 -21.17
CA VAL B 30 -36.26 8.21 -20.27
C VAL B 30 -37.31 9.09 -20.91
N VAL B 31 -38.45 9.28 -20.24
CA VAL B 31 -39.51 10.14 -20.76
C VAL B 31 -39.81 11.25 -19.76
N ASP B 32 -39.52 12.49 -20.18
CA ASP B 32 -39.71 13.71 -19.38
C ASP B 32 -39.20 13.57 -17.94
N GLY B 33 -37.94 13.20 -17.80
CA GLY B 33 -37.30 13.03 -16.51
C GLY B 33 -37.51 11.70 -15.80
N ALA B 34 -38.42 10.87 -16.33
CA ALA B 34 -38.77 9.59 -15.71
C ALA B 34 -38.27 8.36 -16.46
N MET B 35 -37.70 7.41 -15.72
CA MET B 35 -37.25 6.16 -16.32
C MET B 35 -38.49 5.33 -16.67
N GLN B 36 -38.59 4.89 -17.91
CA GLN B 36 -39.70 4.05 -18.32
C GLN B 36 -39.10 2.70 -18.67
N ILE B 37 -39.41 1.68 -17.88
CA ILE B 37 -38.85 0.36 -18.14
C ILE B 37 -39.66 -0.26 -19.26
N ILE B 38 -38.96 -0.70 -20.30
CA ILE B 38 -39.59 -1.32 -21.47
C ILE B 38 -39.71 -2.81 -21.30
N GLY B 39 -38.65 -3.45 -20.82
CA GLY B 39 -38.67 -4.89 -20.66
C GLY B 39 -37.54 -5.43 -19.82
N ARG B 40 -37.75 -6.65 -19.33
CA ARG B 40 -36.78 -7.36 -18.50
C ARG B 40 -36.65 -8.81 -18.92
N LEU B 41 -35.42 -9.32 -18.85
CA LEU B 41 -35.11 -10.67 -19.27
C LEU B 41 -34.23 -11.33 -18.21
N LYS B 42 -34.54 -12.58 -17.90
CA LYS B 42 -33.76 -13.40 -16.98
C LYS B 42 -33.54 -14.71 -17.73
N GLN B 43 -32.31 -15.17 -17.85
CA GLN B 43 -32.10 -16.46 -18.50
C GLN B 43 -31.05 -17.30 -17.77
N ARG B 44 -31.43 -18.51 -17.35
CA ARG B 44 -30.48 -19.36 -16.65
C ARG B 44 -29.36 -19.80 -17.61
N VAL B 45 -28.13 -19.63 -17.17
CA VAL B 45 -26.96 -20.04 -17.91
C VAL B 45 -26.08 -20.98 -17.05
N HIS B 46 -26.27 -20.87 -15.73
CA HIS B 46 -25.47 -21.58 -14.69
C HIS B 46 -23.98 -21.71 -15.09
N LEU B 47 -23.39 -20.56 -15.40
CA LEU B 47 -21.97 -20.45 -15.77
C LEU B 47 -21.06 -21.00 -14.67
N ALA B 48 -21.43 -20.75 -13.41
CA ALA B 48 -20.63 -21.20 -12.26
C ALA B 48 -20.41 -22.71 -12.16
N ASP B 49 -21.34 -23.50 -12.73
CA ASP B 49 -21.19 -24.94 -12.73
C ASP B 49 -19.96 -25.37 -13.52
N GLY B 50 -19.47 -24.48 -14.40
CA GLY B 50 -18.31 -24.80 -15.21
C GLY B 50 -16.97 -24.56 -14.54
N LEU B 51 -17.00 -24.03 -13.33
CA LEU B 51 -15.75 -23.74 -12.62
C LEU B 51 -15.19 -24.97 -11.97
N GLY B 52 -14.17 -25.58 -12.57
CA GLY B 52 -13.53 -26.77 -11.99
C GLY B 52 -12.65 -26.45 -10.80
N PRO B 53 -11.94 -27.45 -10.29
CA PRO B 53 -11.05 -27.27 -9.14
C PRO B 53 -9.88 -26.29 -9.41
N ASP B 54 -9.52 -26.12 -10.67
CA ASP B 54 -8.41 -25.24 -11.03
C ASP B 54 -8.93 -23.87 -11.44
N ASN B 55 -10.20 -23.62 -11.13
CA ASN B 55 -10.86 -22.35 -11.42
C ASN B 55 -10.91 -22.01 -12.93
N MET B 56 -10.91 -23.06 -13.76
CA MET B 56 -11.00 -22.89 -15.19
C MET B 56 -12.43 -23.15 -15.63
N LEU B 57 -13.02 -22.19 -16.32
CA LEU B 57 -14.37 -22.39 -16.83
C LEU B 57 -14.37 -23.44 -17.92
N SER B 58 -15.21 -24.47 -17.77
CA SER B 58 -15.35 -25.53 -18.75
C SER B 58 -15.83 -25.03 -20.11
N GLU B 59 -15.51 -25.78 -21.16
CA GLU B 59 -15.91 -25.46 -22.52
C GLU B 59 -17.44 -25.45 -22.66
N GLU B 60 -18.09 -26.43 -22.03
CA GLU B 60 -19.55 -26.53 -22.08
C GLU B 60 -20.22 -25.31 -21.48
N ALA B 61 -19.69 -24.86 -20.34
CA ALA B 61 -20.21 -23.66 -19.67
C ALA B 61 -19.97 -22.41 -20.52
N MET B 62 -18.79 -22.29 -21.12
CA MET B 62 -18.48 -21.11 -21.92
C MET B 62 -19.47 -21.07 -23.09
N THR B 63 -19.75 -22.25 -23.66
CA THR B 63 -20.70 -22.37 -24.79
C THR B 63 -22.12 -21.92 -24.39
N ARG B 64 -22.59 -22.33 -23.22
CA ARG B 64 -23.88 -21.84 -22.73
C ARG B 64 -23.84 -20.30 -22.63
N GLY B 65 -22.77 -19.75 -22.06
CA GLY B 65 -22.61 -18.31 -21.94
C GLY B 65 -22.63 -17.59 -23.28
N LEU B 66 -21.88 -18.11 -24.25
CA LEU B 66 -21.80 -17.50 -25.55
C LEU B 66 -23.13 -17.58 -26.29
N ASN B 67 -23.81 -18.72 -26.19
CA ASN B 67 -25.14 -18.88 -26.81
C ASN B 67 -26.13 -17.84 -26.26
N CYS B 68 -26.04 -17.59 -24.95
CA CYS B 68 -26.96 -16.60 -24.36
C CYS B 68 -26.61 -15.18 -24.80
N LEU B 69 -25.30 -14.90 -24.89
CA LEU B 69 -24.82 -13.59 -25.35
C LEU B 69 -25.25 -13.31 -26.79
N SER B 70 -25.24 -14.35 -27.63
CA SER B 70 -25.68 -14.21 -29.02
C SER B 70 -27.12 -13.74 -29.05
N LEU B 71 -27.94 -14.34 -28.19
CA LEU B 71 -29.37 -14.04 -28.14
C LEU B 71 -29.58 -12.62 -27.61
N PHE B 72 -28.76 -12.28 -26.63
CA PHE B 72 -28.79 -10.94 -26.05
C PHE B 72 -28.42 -9.90 -27.12
N ALA B 73 -27.42 -10.22 -27.92
CA ALA B 73 -26.93 -9.33 -28.98
C ALA B 73 -28.03 -9.03 -29.98
N GLU B 74 -28.74 -10.07 -30.38
CA GLU B 74 -29.83 -9.94 -31.31
C GLU B 74 -30.94 -9.08 -30.70
N ARG B 75 -31.25 -9.31 -29.43
CA ARG B 75 -32.24 -8.47 -28.74
C ARG B 75 -31.83 -6.98 -28.77
N LEU B 76 -30.53 -6.73 -28.66
CA LEU B 76 -30.01 -5.37 -28.68
C LEU B 76 -29.58 -4.82 -30.04
N GLN B 77 -30.10 -5.39 -31.14
CA GLN B 77 -29.78 -4.90 -32.47
C GLN B 77 -30.11 -3.42 -32.55
N GLY B 78 -29.21 -2.66 -33.16
CA GLY B 78 -29.41 -1.23 -33.33
C GLY B 78 -29.02 -0.40 -32.10
N PHE B 79 -28.63 -1.05 -31.01
CA PHE B 79 -28.19 -0.31 -29.84
C PHE B 79 -26.73 0.09 -30.01
N SER B 80 -26.41 1.36 -29.82
CA SER B 80 -25.02 1.81 -29.89
C SER B 80 -24.25 1.38 -28.62
N PRO B 81 -22.92 1.30 -28.68
CA PRO B 81 -22.13 0.95 -27.50
C PRO B 81 -22.39 1.88 -26.32
N ALA B 82 -22.62 3.18 -26.55
CA ALA B 82 -22.91 4.11 -25.44
C ALA B 82 -24.27 3.84 -24.78
N SER B 83 -25.13 3.10 -25.46
CA SER B 83 -26.47 2.79 -24.96
C SER B 83 -26.55 1.46 -24.22
N VAL B 84 -25.43 0.76 -24.10
CA VAL B 84 -25.41 -0.57 -23.44
C VAL B 84 -24.25 -0.68 -22.47
N CYS B 85 -24.52 -1.30 -21.33
CA CYS B 85 -23.50 -1.60 -20.35
C CYS B 85 -23.67 -3.05 -19.92
N ILE B 86 -22.61 -3.83 -20.09
CA ILE B 86 -22.62 -5.22 -19.65
C ILE B 86 -21.61 -5.36 -18.52
N VAL B 87 -22.05 -5.90 -17.38
CA VAL B 87 -21.11 -6.15 -16.27
C VAL B 87 -21.05 -7.65 -16.00
N GLY B 88 -19.93 -8.09 -15.47
CA GLY B 88 -19.72 -9.46 -15.10
C GLY B 88 -19.41 -9.56 -13.62
N THR B 89 -19.99 -10.54 -12.95
CA THR B 89 -19.73 -10.68 -11.52
C THR B 89 -18.94 -11.95 -11.13
N HIS B 90 -19.34 -12.60 -10.03
CA HIS B 90 -18.55 -13.67 -9.39
C HIS B 90 -17.85 -14.70 -10.30
N THR B 91 -18.60 -15.31 -11.19
CA THR B 91 -18.01 -16.34 -12.04
C THR B 91 -16.84 -15.78 -12.88
N LEU B 92 -17.02 -14.59 -13.44
CA LEU B 92 -15.97 -13.99 -14.24
C LEU B 92 -14.81 -13.48 -13.36
N ARG B 93 -15.09 -13.09 -12.12
CA ARG B 93 -14.03 -12.70 -11.17
C ARG B 93 -13.15 -13.90 -10.82
N GLN B 94 -13.80 -15.07 -10.70
CA GLN B 94 -13.12 -16.27 -10.26
C GLN B 94 -12.44 -17.08 -11.37
N ALA B 95 -12.95 -16.99 -12.59
CA ALA B 95 -12.41 -17.79 -13.71
C ALA B 95 -11.01 -17.40 -14.13
N LEU B 96 -10.08 -18.33 -14.02
CA LEU B 96 -8.70 -18.06 -14.39
C LEU B 96 -8.57 -17.90 -15.90
N ASN B 97 -9.61 -18.31 -16.63
CA ASN B 97 -9.61 -18.18 -18.09
C ASN B 97 -10.71 -17.22 -18.54
N ALA B 98 -11.07 -16.28 -17.66
CA ALA B 98 -12.04 -15.25 -17.98
C ALA B 98 -11.69 -14.54 -19.30
N THR B 99 -10.40 -14.20 -19.49
CA THR B 99 -9.97 -13.49 -20.70
C THR B 99 -10.32 -14.30 -21.97
N ASP B 100 -10.15 -15.63 -21.93
CA ASP B 100 -10.50 -16.47 -23.10
C ASP B 100 -11.97 -16.28 -23.44
N PHE B 101 -12.82 -16.40 -22.41
CA PHE B 101 -14.26 -16.24 -22.56
C PHE B 101 -14.56 -14.84 -23.09
N LEU B 102 -13.96 -13.81 -22.51
CA LEU B 102 -14.22 -12.44 -22.97
C LEU B 102 -13.84 -12.24 -24.45
N LYS B 103 -12.73 -12.84 -24.89
CA LYS B 103 -12.31 -12.72 -26.29
C LYS B 103 -13.31 -13.43 -27.21
N ARG B 104 -13.78 -14.59 -26.77
CA ARG B 104 -14.76 -15.35 -27.53
C ARG B 104 -16.07 -14.58 -27.64
N ALA B 105 -16.47 -13.94 -26.55
CA ALA B 105 -17.69 -13.14 -26.51
C ALA B 105 -17.65 -11.96 -27.49
N GLU B 106 -16.46 -11.44 -27.76
CA GLU B 106 -16.32 -10.33 -28.68
C GLU B 106 -16.94 -10.64 -30.04
N LYS B 107 -16.93 -11.92 -30.42
CA LYS B 107 -17.44 -12.31 -31.73
C LYS B 107 -18.96 -12.47 -31.76
N VAL B 108 -19.59 -12.60 -30.59
CA VAL B 108 -21.04 -12.82 -30.64
C VAL B 108 -21.84 -11.62 -30.11
N ILE B 109 -21.19 -10.71 -29.39
CA ILE B 109 -21.87 -9.51 -28.88
C ILE B 109 -20.90 -8.31 -28.94
N PRO B 110 -21.27 -7.24 -29.64
CA PRO B 110 -20.34 -6.11 -29.86
C PRO B 110 -20.09 -5.15 -28.68
N TYR B 111 -20.62 -5.44 -27.51
CA TYR B 111 -20.40 -4.56 -26.38
C TYR B 111 -19.37 -5.20 -25.44
N PRO B 112 -18.40 -4.40 -24.95
CA PRO B 112 -17.40 -4.87 -23.97
C PRO B 112 -18.04 -5.37 -22.69
N ILE B 113 -17.46 -6.44 -22.12
CA ILE B 113 -17.97 -7.01 -20.88
C ILE B 113 -17.08 -6.47 -19.77
N GLU B 114 -17.71 -5.79 -18.81
CA GLU B 114 -16.98 -5.12 -17.75
C GLU B 114 -17.06 -5.91 -16.42
N ILE B 115 -15.99 -6.63 -16.06
CA ILE B 115 -16.01 -7.37 -14.80
C ILE B 115 -15.96 -6.32 -13.67
N ILE B 116 -16.84 -6.43 -12.68
CA ILE B 116 -16.84 -5.52 -11.53
C ILE B 116 -16.56 -6.30 -10.26
N SER B 117 -16.05 -5.59 -9.26
CA SER B 117 -15.73 -6.19 -7.97
C SER B 117 -16.99 -6.59 -7.20
N GLY B 118 -16.84 -7.41 -6.15
CA GLY B 118 -17.97 -7.80 -5.33
C GLY B 118 -18.54 -6.57 -4.62
N ASN B 119 -17.65 -5.68 -4.18
CA ASN B 119 -18.02 -4.44 -3.51
C ASN B 119 -18.84 -3.50 -4.40
N GLU B 120 -18.44 -3.43 -5.67
CA GLU B 120 -19.08 -2.58 -6.67
C GLU B 120 -20.46 -3.15 -7.05
N GLU B 121 -20.52 -4.47 -7.15
CA GLU B 121 -21.74 -5.22 -7.39
C GLU B 121 -22.77 -4.94 -6.26
N ALA B 122 -22.31 -5.01 -5.03
CA ALA B 122 -23.15 -4.75 -3.85
C ALA B 122 -23.68 -3.32 -3.88
N ARG B 123 -22.81 -2.36 -4.17
CA ARG B 123 -23.19 -0.98 -4.27
C ARG B 123 -24.30 -0.78 -5.34
N LEU B 124 -24.09 -1.33 -6.54
CA LEU B 124 -25.08 -1.19 -7.59
C LEU B 124 -26.42 -1.89 -7.26
N ILE B 125 -26.34 -3.02 -6.57
CA ILE B 125 -27.57 -3.74 -6.19
C ILE B 125 -28.38 -2.82 -5.27
N PHE B 126 -27.70 -2.22 -4.29
CA PHE B 126 -28.37 -1.31 -3.38
C PHE B 126 -28.99 -0.16 -4.19
N MET B 127 -28.22 0.40 -5.13
CA MET B 127 -28.75 1.48 -5.96
C MET B 127 -29.99 1.05 -6.75
N GLY B 128 -30.00 -0.17 -7.27
CA GLY B 128 -31.14 -0.66 -8.03
C GLY B 128 -32.40 -0.79 -7.15
N VAL B 129 -32.21 -1.29 -5.93
CA VAL B 129 -33.32 -1.41 -4.97
C VAL B 129 -33.87 -0.03 -4.67
N GLU B 130 -33.00 0.91 -4.33
CA GLU B 130 -33.43 2.29 -4.03
C GLU B 130 -34.23 2.97 -5.15
N HIS B 131 -33.75 2.81 -6.38
CA HIS B 131 -34.41 3.44 -7.53
C HIS B 131 -35.72 2.74 -7.91
N THR B 132 -35.85 1.47 -7.55
CA THR B 132 -37.03 0.68 -7.89
C THR B 132 -38.09 0.76 -6.79
N GLN B 133 -37.62 0.69 -5.55
CA GLN B 133 -38.45 0.73 -4.35
C GLN B 133 -38.57 2.14 -3.81
N PRO B 134 -39.17 3.10 -4.48
CA PRO B 134 -39.19 4.42 -3.87
C PRO B 134 -40.01 4.37 -2.57
N GLU B 135 -39.31 4.00 -1.50
CA GLU B 135 -39.84 3.92 -0.14
C GLU B 135 -38.82 4.63 0.72
N LYS B 136 -39.30 5.38 1.71
CA LYS B 136 -38.43 6.10 2.64
C LYS B 136 -37.76 5.11 3.58
N GLY B 137 -36.74 5.54 4.31
CA GLY B 137 -36.07 4.73 5.31
C GLY B 137 -34.74 4.09 4.98
N ARG B 138 -34.02 3.74 6.04
CA ARG B 138 -32.74 3.05 5.95
C ARG B 138 -33.07 1.60 5.62
N LYS B 139 -32.42 1.08 4.58
CA LYS B 139 -32.66 -0.28 4.13
C LYS B 139 -31.48 -1.25 4.26
N LEU B 140 -31.80 -2.49 4.65
CA LEU B 140 -30.86 -3.58 4.57
C LEU B 140 -31.24 -4.26 3.25
N VAL B 141 -30.25 -4.58 2.41
CA VAL B 141 -30.48 -5.23 1.13
C VAL B 141 -29.63 -6.49 1.06
N ILE B 142 -30.30 -7.62 0.85
CA ILE B 142 -29.65 -8.91 0.77
C ILE B 142 -29.85 -9.44 -0.62
N ASP B 143 -28.79 -9.94 -1.25
CA ASP B 143 -28.95 -10.49 -2.58
C ASP B 143 -28.12 -11.76 -2.66
N ILE B 144 -28.78 -12.91 -2.81
CA ILE B 144 -28.07 -14.17 -2.91
C ILE B 144 -28.02 -14.58 -4.34
N GLY B 145 -26.82 -14.61 -4.94
CA GLY B 145 -26.68 -15.01 -6.35
C GLY B 145 -26.27 -16.48 -6.49
N GLY B 146 -25.87 -16.86 -7.70
CA GLY B 146 -25.43 -18.23 -7.90
C GLY B 146 -24.01 -18.42 -7.33
N GLY B 147 -23.27 -17.31 -7.18
CA GLY B 147 -21.88 -17.37 -6.74
C GLY B 147 -21.45 -16.45 -5.60
N SER B 148 -22.08 -15.30 -5.44
CA SER B 148 -21.71 -14.44 -4.33
C SER B 148 -22.99 -13.93 -3.68
N THR B 149 -22.86 -13.41 -2.46
CA THR B 149 -23.98 -12.87 -1.73
C THR B 149 -23.60 -11.46 -1.32
N GLU B 150 -24.48 -10.47 -1.52
CA GLU B 150 -24.16 -9.11 -1.14
C GLU B 150 -25.10 -8.68 -0.02
N LEU B 151 -24.57 -7.87 0.90
CA LEU B 151 -25.29 -7.34 2.05
C LEU B 151 -24.95 -5.87 2.13
N VAL B 152 -25.96 -5.01 2.04
CA VAL B 152 -25.69 -3.58 2.09
C VAL B 152 -26.68 -2.88 3.02
N ILE B 153 -26.18 -1.94 3.82
CA ILE B 153 -27.09 -1.05 4.53
C ILE B 153 -26.90 0.37 3.97
N GLY B 154 -27.99 1.03 3.61
CA GLY B 154 -27.89 2.40 3.11
C GLY B 154 -29.19 3.17 3.23
N GLU B 155 -29.14 4.44 2.84
CA GLU B 155 -30.28 5.30 2.99
C GLU B 155 -30.18 6.49 2.04
N ASN B 156 -31.33 6.94 1.52
CA ASN B 156 -31.39 8.12 0.66
C ASN B 156 -30.37 8.05 -0.48
N PHE B 157 -30.30 6.87 -1.09
CA PHE B 157 -29.42 6.58 -2.23
C PHE B 157 -27.90 6.63 -1.90
N GLU B 158 -27.54 6.46 -0.64
CA GLU B 158 -26.14 6.44 -0.23
C GLU B 158 -25.86 5.19 0.61
N PRO B 159 -24.99 4.32 0.12
CA PRO B 159 -24.61 3.11 0.86
C PRO B 159 -23.86 3.52 2.12
N ILE B 160 -24.05 2.77 3.20
CA ILE B 160 -23.37 3.07 4.48
C ILE B 160 -22.40 1.93 4.74
N LEU B 161 -22.91 0.71 4.69
CA LEU B 161 -22.09 -0.48 4.89
C LEU B 161 -22.25 -1.32 3.66
N VAL B 162 -21.13 -1.71 3.05
CA VAL B 162 -21.16 -2.50 1.81
C VAL B 162 -20.29 -3.74 1.91
N GLU B 163 -20.89 -4.91 1.66
CA GLU B 163 -20.19 -6.19 1.75
C GLU B 163 -20.62 -7.23 0.75
N SER B 164 -19.68 -8.11 0.41
CA SER B 164 -19.95 -9.20 -0.48
C SER B 164 -19.18 -10.41 0.03
N ARG B 165 -19.79 -11.59 -0.06
CA ARG B 165 -19.12 -12.83 0.36
C ARG B 165 -19.21 -13.89 -0.73
N ARG B 166 -18.18 -14.73 -0.81
CA ARG B 166 -18.16 -15.78 -1.78
C ARG B 166 -18.97 -17.03 -1.39
N MET B 167 -20.29 -16.94 -1.57
CA MET B 167 -21.21 -18.02 -1.30
C MET B 167 -22.41 -17.76 -2.21
N GLY B 168 -22.92 -18.80 -2.84
CA GLY B 168 -24.07 -18.63 -3.70
C GLY B 168 -24.78 -19.95 -3.90
N CYS B 169 -25.94 -19.90 -4.54
CA CYS B 169 -26.76 -21.12 -4.67
C CYS B 169 -26.13 -22.16 -5.59
N VAL B 170 -25.28 -21.76 -6.54
CA VAL B 170 -24.64 -22.75 -7.40
C VAL B 170 -23.41 -23.32 -6.72
N SER B 171 -22.57 -22.45 -6.20
CA SER B 171 -21.34 -22.88 -5.52
C SER B 171 -21.60 -23.73 -4.25
N PHE B 172 -22.62 -23.39 -3.47
CA PHE B 172 -22.94 -24.17 -2.26
C PHE B 172 -23.59 -25.52 -2.57
N ALA B 173 -24.10 -25.70 -3.79
CA ALA B 173 -24.68 -26.98 -4.21
C ALA B 173 -23.60 -28.06 -4.25
N GLN B 174 -22.52 -27.79 -4.99
CA GLN B 174 -21.37 -28.70 -5.13
C GLN B 174 -20.71 -28.98 -3.77
N LEU B 175 -20.47 -27.90 -3.06
CA LEU B 175 -19.76 -27.91 -1.78
C LEU B 175 -20.43 -28.69 -0.65
N TYR B 176 -21.75 -28.53 -0.51
CA TYR B 176 -22.42 -29.12 0.66
C TYR B 176 -23.47 -30.16 0.33
N PHE B 177 -23.85 -30.23 -0.94
CA PHE B 177 -24.85 -31.18 -1.40
C PHE B 177 -24.34 -31.96 -2.61
N PRO B 178 -23.24 -32.72 -2.46
CA PRO B 178 -22.67 -33.47 -3.57
C PRO B 178 -23.70 -34.45 -4.13
N GLY B 179 -23.82 -34.50 -5.45
CA GLY B 179 -24.79 -35.35 -6.13
C GLY B 179 -26.25 -34.94 -5.92
N GLY B 180 -26.48 -33.74 -5.38
CA GLY B 180 -27.82 -33.26 -5.10
C GLY B 180 -28.46 -33.90 -3.88
N VAL B 181 -27.67 -34.62 -3.07
CA VAL B 181 -28.19 -35.30 -1.89
C VAL B 181 -28.61 -34.28 -0.80
N ILE B 182 -29.88 -34.40 -0.39
CA ILE B 182 -30.49 -33.57 0.65
C ILE B 182 -30.65 -34.36 1.94
N ASN B 183 -30.12 -33.82 3.03
CA ASN B 183 -30.38 -34.37 4.36
C ASN B 183 -30.07 -33.28 5.39
N LYS B 184 -30.44 -33.54 6.64
CA LYS B 184 -30.29 -32.57 7.73
C LYS B 184 -28.88 -32.12 7.91
N GLU B 185 -27.94 -33.07 7.84
CA GLU B 185 -26.52 -32.82 8.08
C GLU B 185 -25.92 -31.91 6.99
N ASN B 186 -26.30 -32.16 5.74
CA ASN B 186 -25.84 -31.37 4.61
C ASN B 186 -26.39 -29.97 4.69
N PHE B 187 -27.68 -29.87 4.99
CA PHE B 187 -28.32 -28.57 5.12
C PHE B 187 -27.71 -27.75 6.27
N GLN B 188 -27.58 -28.41 7.43
CA GLN B 188 -26.98 -27.86 8.65
C GLN B 188 -25.63 -27.24 8.32
N ARG B 189 -24.80 -27.98 7.58
CA ARG B 189 -23.44 -27.53 7.22
C ARG B 189 -23.46 -26.31 6.35
N ALA B 190 -24.36 -26.28 5.37
CA ALA B 190 -24.46 -25.16 4.45
C ALA B 190 -24.90 -23.91 5.18
N ARG B 191 -25.88 -24.05 6.07
CA ARG B 191 -26.43 -22.94 6.86
C ARG B 191 -25.37 -22.33 7.77
N MET B 192 -24.59 -23.19 8.42
CA MET B 192 -23.51 -22.73 9.32
C MET B 192 -22.37 -22.10 8.53
N ALA B 193 -22.05 -22.68 7.37
CA ALA B 193 -21.03 -22.13 6.50
C ALA B 193 -21.38 -20.71 6.05
N ALA B 194 -22.66 -20.46 5.80
CA ALA B 194 -23.11 -19.13 5.42
C ALA B 194 -22.95 -18.17 6.60
N ALA B 195 -23.35 -18.60 7.79
CA ALA B 195 -23.14 -17.79 9.00
C ALA B 195 -21.64 -17.52 9.26
N GLN B 196 -20.79 -18.51 8.99
CA GLN B 196 -19.34 -18.36 9.19
C GLN B 196 -18.78 -17.23 8.33
N LYS B 197 -19.28 -17.12 7.12
CA LYS B 197 -18.81 -16.07 6.22
C LYS B 197 -19.24 -14.67 6.65
N LEU B 198 -20.25 -14.57 7.50
CA LEU B 198 -20.76 -13.26 7.98
C LEU B 198 -20.25 -12.82 9.33
N GLU B 199 -19.40 -13.67 9.92
CA GLU B 199 -18.80 -13.46 11.25
C GLU B 199 -18.37 -12.05 11.60
N THR B 200 -17.63 -11.44 10.69
CA THR B 200 -16.99 -10.15 10.95
C THR B 200 -17.94 -8.97 10.80
N LEU B 201 -19.13 -9.18 10.21
CA LEU B 201 -20.02 -8.05 9.97
C LEU B 201 -21.29 -8.03 10.83
N THR B 202 -21.57 -9.07 11.61
CA THR B 202 -22.90 -9.13 12.24
C THR B 202 -23.17 -8.03 13.24
N TRP B 203 -22.25 -7.79 14.14
CA TRP B 203 -22.44 -6.76 15.17
C TRP B 203 -22.60 -5.40 14.50
N GLN B 204 -21.64 -5.04 13.63
CA GLN B 204 -21.68 -3.74 12.94
C GLN B 204 -23.00 -3.56 12.18
N PHE B 205 -23.41 -4.58 11.42
CA PHE B 205 -24.68 -4.45 10.70
C PHE B 205 -25.87 -4.32 11.64
N ARG B 206 -25.90 -5.11 12.72
CA ARG B 206 -27.07 -5.12 13.60
C ARG B 206 -27.19 -3.82 14.39
N ILE B 207 -26.06 -3.22 14.77
CA ILE B 207 -26.08 -1.92 15.45
C ILE B 207 -26.57 -0.82 14.52
N GLN B 208 -26.09 -0.84 13.28
CA GLN B 208 -26.49 0.10 12.24
C GLN B 208 -28.01 0.02 12.02
N GLY B 209 -28.52 -1.20 11.90
CA GLY B 209 -29.96 -1.42 11.80
C GLY B 209 -30.58 -0.93 10.50
N TRP B 210 -31.89 -1.13 10.39
CA TRP B 210 -32.59 -0.80 9.16
C TRP B 210 -34.05 -0.63 9.50
N ASN B 211 -34.76 0.12 8.67
CA ASN B 211 -36.20 0.31 8.86
C ASN B 211 -36.97 -0.75 8.09
N VAL B 212 -36.32 -1.33 7.09
CA VAL B 212 -36.87 -2.39 6.27
C VAL B 212 -35.76 -3.22 5.67
N ALA B 213 -35.99 -4.52 5.56
CA ALA B 213 -35.04 -5.40 4.92
C ALA B 213 -35.64 -5.86 3.58
N MET B 214 -34.86 -5.72 2.49
CA MET B 214 -35.28 -6.10 1.13
C MET B 214 -34.38 -7.17 0.57
N GLY B 215 -34.97 -8.12 -0.11
CA GLY B 215 -34.18 -9.20 -0.68
C GLY B 215 -34.35 -9.23 -2.18
N ALA B 216 -33.26 -9.49 -2.90
CA ALA B 216 -33.32 -9.55 -4.34
C ALA B 216 -32.78 -10.87 -4.86
N SER B 217 -33.12 -11.14 -6.12
CA SER B 217 -32.68 -12.28 -6.96
C SER B 217 -33.47 -13.59 -6.74
N GLY B 218 -33.11 -14.64 -7.48
CA GLY B 218 -33.94 -15.84 -7.64
C GLY B 218 -34.21 -16.74 -6.46
N THR B 219 -33.25 -16.83 -5.56
CA THR B 219 -33.37 -17.66 -4.38
C THR B 219 -34.47 -17.08 -3.49
N ILE B 220 -34.35 -15.80 -3.17
CA ILE B 220 -35.32 -15.12 -2.30
C ILE B 220 -36.70 -15.03 -2.95
N LYS B 221 -36.73 -14.80 -4.26
CA LYS B 221 -38.01 -14.73 -4.96
C LYS B 221 -38.68 -16.12 -4.88
N ALA B 222 -37.90 -17.21 -5.06
CA ALA B 222 -38.45 -18.55 -4.96
C ALA B 222 -38.97 -18.85 -3.53
N ALA B 223 -38.21 -18.45 -2.51
CA ALA B 223 -38.65 -18.67 -1.14
C ALA B 223 -39.99 -17.97 -0.91
N HIS B 224 -40.09 -16.71 -1.35
CA HIS B 224 -41.36 -15.97 -1.29
C HIS B 224 -42.51 -16.70 -2.01
N GLU B 225 -42.27 -17.15 -3.25
CA GLU B 225 -43.32 -17.82 -4.01
C GLU B 225 -43.78 -19.12 -3.34
N VAL B 226 -42.85 -19.90 -2.79
CA VAL B 226 -43.25 -21.17 -2.17
C VAL B 226 -44.12 -20.94 -0.92
N LEU B 227 -43.71 -19.98 -0.09
CA LEU B 227 -44.46 -19.61 1.12
C LEU B 227 -45.89 -19.23 0.80
N MET B 228 -46.07 -18.41 -0.23
CA MET B 228 -47.41 -17.96 -0.63
C MET B 228 -48.25 -19.17 -1.03
N GLU B 229 -47.63 -20.10 -1.74
CA GLU B 229 -48.31 -21.31 -2.19
C GLU B 229 -48.63 -22.22 -1.00
N MET B 230 -47.90 -22.02 0.10
CA MET B 230 -48.14 -22.83 1.30
C MET B 230 -49.30 -22.24 2.10
N GLY B 231 -49.66 -20.99 1.78
CA GLY B 231 -50.81 -20.37 2.39
C GLY B 231 -50.50 -19.28 3.40
N GLU B 232 -49.26 -18.81 3.44
CA GLU B 232 -48.93 -17.74 4.36
C GLU B 232 -49.80 -16.52 4.02
N LYS B 233 -50.34 -15.85 5.05
CA LYS B 233 -51.28 -14.73 4.85
C LYS B 233 -50.68 -13.55 4.09
N ASP B 234 -49.42 -13.23 4.37
CA ASP B 234 -48.72 -12.14 3.70
C ASP B 234 -47.40 -12.60 3.10
N GLY B 235 -46.84 -11.82 2.19
CA GLY B 235 -45.62 -12.21 1.51
C GLY B 235 -44.29 -12.02 2.22
N ILE B 236 -44.31 -11.93 3.53
CA ILE B 236 -43.05 -11.64 4.20
C ILE B 236 -42.27 -12.92 4.59
N ILE B 237 -40.96 -12.91 4.36
CA ILE B 237 -40.11 -14.02 4.79
C ILE B 237 -39.68 -13.74 6.25
N THR B 238 -39.96 -14.67 7.15
CA THR B 238 -39.61 -14.55 8.58
C THR B 238 -38.85 -15.79 9.03
N PRO B 239 -38.15 -15.75 10.18
CA PRO B 239 -37.44 -16.96 10.67
C PRO B 239 -38.37 -18.18 10.81
N GLU B 240 -39.54 -17.98 11.39
CA GLU B 240 -40.52 -19.06 11.57
C GLU B 240 -40.92 -19.66 10.21
N ARG B 241 -41.12 -18.78 9.23
CA ARG B 241 -41.51 -19.22 7.89
C ARG B 241 -40.35 -19.96 7.21
N LEU B 242 -39.12 -19.52 7.46
CA LEU B 242 -37.96 -20.21 6.90
C LEU B 242 -37.84 -21.64 7.46
N GLU B 243 -38.14 -21.81 8.75
CA GLU B 243 -38.13 -23.13 9.36
C GLU B 243 -39.20 -24.03 8.72
N LYS B 244 -40.32 -23.43 8.31
CA LYS B 244 -41.35 -24.20 7.59
C LYS B 244 -40.81 -24.68 6.24
N LEU B 245 -40.08 -23.82 5.54
CA LEU B 245 -39.52 -24.17 4.25
C LEU B 245 -38.47 -25.28 4.42
N VAL B 246 -37.61 -25.11 5.41
CA VAL B 246 -36.59 -26.11 5.71
C VAL B 246 -37.22 -27.48 5.97
N LYS B 247 -38.22 -27.53 6.85
CA LYS B 247 -38.87 -28.78 7.13
C LYS B 247 -39.45 -29.41 5.83
N GLU B 248 -40.03 -28.59 4.96
CA GLU B 248 -40.59 -29.15 3.72
C GLU B 248 -39.49 -29.70 2.82
N VAL B 249 -38.38 -28.97 2.73
CA VAL B 249 -37.20 -29.39 1.96
C VAL B 249 -36.65 -30.75 2.42
N LEU B 250 -36.54 -30.93 3.74
CA LEU B 250 -35.93 -32.15 4.31
C LEU B 250 -36.76 -33.42 4.15
N ARG B 251 -37.98 -33.27 3.66
CA ARG B 251 -38.85 -34.39 3.39
C ARG B 251 -38.38 -35.15 2.16
N HIS B 252 -37.54 -34.50 1.35
CA HIS B 252 -37.06 -35.08 0.10
C HIS B 252 -35.57 -35.46 0.13
N ARG B 253 -35.22 -36.48 -0.65
CA ARG B 253 -33.87 -37.05 -0.64
C ARG B 253 -32.89 -36.41 -1.61
N ASN B 254 -33.38 -35.68 -2.59
CA ASN B 254 -32.53 -35.14 -3.64
C ASN B 254 -33.16 -33.95 -4.30
N PHE B 255 -32.32 -33.11 -4.89
CA PHE B 255 -32.74 -31.95 -5.65
C PHE B 255 -33.73 -32.41 -6.70
N ALA B 256 -33.43 -33.57 -7.28
CA ALA B 256 -34.25 -34.12 -8.34
C ALA B 256 -35.67 -34.47 -7.88
N SER B 257 -35.89 -34.69 -6.59
CA SER B 257 -37.24 -35.07 -6.15
C SER B 257 -37.86 -34.02 -5.19
N LEU B 258 -37.38 -32.79 -5.32
CA LEU B 258 -37.82 -31.65 -4.51
C LEU B 258 -39.13 -31.09 -5.06
N SER B 259 -40.22 -31.78 -4.73
CA SER B 259 -41.55 -31.42 -5.24
C SER B 259 -42.31 -30.39 -4.39
N LEU B 260 -41.68 -29.24 -4.14
CA LEU B 260 -42.35 -28.17 -3.41
C LEU B 260 -43.17 -27.38 -4.41
N PRO B 261 -44.47 -27.21 -4.17
CA PRO B 261 -45.32 -26.48 -5.12
C PRO B 261 -44.82 -25.05 -5.31
N GLY B 262 -44.67 -24.65 -6.56
CA GLY B 262 -44.15 -23.33 -6.82
C GLY B 262 -42.71 -23.19 -7.23
N LEU B 263 -42.02 -24.31 -7.40
CA LEU B 263 -40.61 -24.29 -7.86
C LEU B 263 -40.51 -24.84 -9.26
N SER B 264 -39.77 -24.13 -10.13
CA SER B 264 -39.56 -24.61 -11.49
C SER B 264 -38.53 -25.73 -11.47
N GLU B 265 -38.48 -26.52 -12.56
CA GLU B 265 -37.46 -27.57 -12.63
C GLU B 265 -36.02 -26.97 -12.56
N GLU B 266 -35.81 -25.78 -13.15
CA GLU B 266 -34.50 -25.12 -13.14
C GLU B 266 -34.14 -24.66 -11.72
N ARG B 267 -35.14 -24.16 -11.01
CA ARG B 267 -34.95 -23.66 -9.65
C ARG B 267 -34.70 -24.80 -8.65
N LYS B 268 -35.24 -25.99 -8.92
CA LYS B 268 -35.01 -27.14 -8.03
C LYS B 268 -33.51 -27.48 -7.90
N THR B 269 -32.71 -27.13 -8.92
CA THR B 269 -31.30 -27.49 -8.95
C THR B 269 -30.45 -26.69 -7.99
N VAL B 270 -30.99 -25.56 -7.51
CA VAL B 270 -30.21 -24.63 -6.67
C VAL B 270 -30.97 -24.12 -5.49
N PHE B 271 -32.25 -24.49 -5.38
CA PHE B 271 -33.08 -23.94 -4.29
C PHE B 271 -32.57 -24.27 -2.87
N VAL B 272 -32.25 -25.52 -2.61
CA VAL B 272 -31.79 -25.91 -1.27
C VAL B 272 -30.52 -25.17 -0.76
N PRO B 273 -29.40 -25.16 -1.51
CA PRO B 273 -28.23 -24.39 -1.08
C PRO B 273 -28.54 -22.91 -0.94
N GLY B 274 -29.36 -22.37 -1.84
CA GLY B 274 -29.74 -20.98 -1.68
C GLY B 274 -30.53 -20.77 -0.40
N LEU B 275 -31.45 -21.69 -0.11
CA LEU B 275 -32.27 -21.61 1.12
C LEU B 275 -31.35 -21.62 2.33
N ALA B 276 -30.34 -22.48 2.30
CA ALA B 276 -29.39 -22.60 3.40
C ALA B 276 -28.65 -21.27 3.69
N ILE B 277 -28.21 -20.61 2.62
CA ILE B 277 -27.57 -19.31 2.74
C ILE B 277 -28.57 -18.31 3.30
N LEU B 278 -29.80 -18.32 2.79
CA LEU B 278 -30.83 -17.38 3.28
C LEU B 278 -31.07 -17.53 4.80
N CYS B 279 -31.13 -18.78 5.28
CA CYS B 279 -31.32 -19.11 6.69
C CYS B 279 -30.14 -18.58 7.47
N GLY B 280 -28.93 -18.80 6.94
CA GLY B 280 -27.70 -18.33 7.55
C GLY B 280 -27.63 -16.82 7.68
N VAL B 281 -28.07 -16.11 6.65
CA VAL B 281 -28.14 -14.66 6.68
C VAL B 281 -29.13 -14.24 7.78
N PHE B 282 -30.31 -14.88 7.82
CA PHE B 282 -31.31 -14.60 8.88
C PHE B 282 -30.77 -14.86 10.30
N ASP B 283 -30.03 -15.96 10.47
CA ASP B 283 -29.43 -16.28 11.78
C ASP B 283 -28.47 -15.18 12.17
N ALA B 284 -27.62 -14.82 11.21
CA ALA B 284 -26.52 -13.87 11.41
C ALA B 284 -26.95 -12.44 11.71
N LEU B 285 -27.94 -11.96 10.96
CA LEU B 285 -28.40 -10.57 11.08
C LEU B 285 -29.66 -10.38 11.95
N ALA B 286 -30.22 -11.47 12.48
CA ALA B 286 -31.42 -11.39 13.31
C ALA B 286 -32.58 -10.66 12.59
N ILE B 287 -32.75 -10.96 11.31
CA ILE B 287 -33.82 -10.35 10.50
C ILE B 287 -35.16 -10.90 10.92
N ARG B 288 -36.13 -10.01 11.15
CA ARG B 288 -37.48 -10.42 11.51
C ARG B 288 -38.38 -10.55 10.27
N GLU B 289 -38.23 -9.64 9.31
CA GLU B 289 -39.05 -9.59 8.09
C GLU B 289 -38.24 -9.20 6.85
N LEU B 290 -38.33 -9.98 5.77
CA LEU B 290 -37.61 -9.67 4.53
C LEU B 290 -38.65 -9.55 3.41
N ARG B 291 -38.72 -8.37 2.79
CA ARG B 291 -39.62 -8.12 1.69
C ARG B 291 -38.85 -8.34 0.39
N LEU B 292 -39.53 -8.82 -0.63
CA LEU B 292 -38.91 -9.04 -1.93
C LEU B 292 -38.83 -7.73 -2.70
N SER B 293 -37.70 -7.45 -3.34
CA SER B 293 -37.58 -6.29 -4.21
C SER B 293 -37.42 -6.74 -5.67
N ASP B 294 -38.03 -6.06 -6.63
CA ASP B 294 -37.83 -6.54 -8.01
C ASP B 294 -36.62 -5.83 -8.68
N GLY B 295 -36.02 -4.89 -7.95
CA GLY B 295 -34.86 -4.17 -8.45
C GLY B 295 -33.61 -4.86 -7.92
N ALA B 296 -32.52 -4.80 -8.68
CA ALA B 296 -31.29 -5.47 -8.29
C ALA B 296 -30.13 -4.90 -9.11
N LEU B 297 -29.14 -5.71 -9.42
CA LEU B 297 -27.93 -5.20 -10.07
C LEU B 297 -28.16 -4.47 -11.40
N ARG B 298 -28.93 -5.08 -12.27
CA ARG B 298 -29.16 -4.48 -13.59
C ARG B 298 -29.81 -3.10 -13.50
N GLU B 299 -30.69 -2.91 -12.51
CA GLU B 299 -31.32 -1.61 -12.33
C GLU B 299 -30.28 -0.60 -11.82
N GLY B 300 -29.36 -1.04 -10.94
CA GLY B 300 -28.32 -0.12 -10.50
C GLY B 300 -27.46 0.34 -11.68
N VAL B 301 -27.02 -0.60 -12.49
CA VAL B 301 -26.26 -0.31 -13.70
C VAL B 301 -27.05 0.67 -14.59
N LEU B 302 -28.33 0.34 -14.82
CA LEU B 302 -29.24 1.17 -15.65
C LEU B 302 -29.37 2.61 -15.20
N TYR B 303 -29.62 2.82 -13.91
CA TYR B 303 -29.72 4.18 -13.41
C TYR B 303 -28.38 4.92 -13.43
N GLU B 304 -27.27 4.18 -13.31
CA GLU B 304 -25.94 4.78 -13.36
C GLU B 304 -25.67 5.30 -14.77
N MET B 305 -26.00 4.48 -15.77
CA MET B 305 -25.78 4.80 -17.18
C MET B 305 -26.51 6.09 -17.49
N GLU B 306 -27.75 6.15 -17.00
CA GLU B 306 -28.60 7.31 -17.16
C GLU B 306 -27.99 8.56 -16.51
N GLY B 307 -27.46 8.43 -15.30
CA GLY B 307 -26.82 9.57 -14.69
C GLY B 307 -25.62 10.02 -15.49
N ARG B 308 -24.87 9.05 -16.05
CA ARG B 308 -23.67 9.37 -16.84
C ARG B 308 -24.02 10.12 -18.13
N PHE B 309 -25.22 9.89 -18.69
CA PHE B 309 -25.63 10.66 -19.85
C PHE B 309 -25.77 12.11 -19.40
N ARG B 310 -26.26 12.32 -18.18
CA ARG B 310 -26.42 13.68 -17.62
C ARG B 310 -25.14 14.21 -16.95
N HIS B 311 -24.02 13.55 -17.24
CA HIS B 311 -22.66 13.91 -16.74
C HIS B 311 -22.46 13.70 -15.23
N GLN B 312 -23.35 12.91 -14.60
CA GLN B 312 -23.19 12.56 -13.20
C GLN B 312 -22.52 11.19 -13.10
N ASP B 313 -21.31 11.20 -12.57
CA ASP B 313 -20.46 10.02 -12.51
C ASP B 313 -19.93 9.85 -11.10
N VAL B 314 -20.26 8.75 -10.45
CA VAL B 314 -19.82 8.55 -9.06
C VAL B 314 -18.30 8.48 -8.93
N ARG B 315 -17.61 8.23 -10.04
CA ARG B 315 -16.15 8.16 -10.02
C ARG B 315 -15.52 9.52 -9.64
N SER B 316 -16.20 10.63 -9.96
CA SER B 316 -15.73 11.96 -9.61
C SER B 316 -15.70 12.08 -8.09
N ARG B 317 -16.81 11.66 -7.46
CA ARG B 317 -16.90 11.61 -6.00
C ARG B 317 -15.84 10.68 -5.42
N THR B 318 -15.64 9.53 -6.08
CA THR B 318 -14.61 8.59 -5.65
C THR B 318 -13.21 9.25 -5.65
N ALA B 319 -12.89 9.99 -6.71
CA ALA B 319 -11.58 10.66 -6.80
C ALA B 319 -11.47 11.81 -5.79
N SER B 320 -12.52 12.59 -5.60
CA SER B 320 -12.47 13.69 -4.63
C SER B 320 -12.37 13.15 -3.19
N SER B 321 -13.07 12.04 -2.92
CA SER B 321 -13.01 11.40 -1.60
C SER B 321 -11.59 10.88 -1.30
N LEU B 322 -10.95 10.24 -2.29
CA LEU B 322 -9.57 9.79 -2.13
C LEU B 322 -8.64 10.95 -1.80
N ALA B 323 -8.84 12.09 -2.46
CA ALA B 323 -8.00 13.27 -2.23
C ALA B 323 -8.13 13.76 -0.80
N ASN B 324 -9.34 13.75 -0.26
CA ASN B 324 -9.58 14.12 1.12
C ASN B 324 -8.97 13.10 2.07
N GLN B 325 -9.22 11.83 1.79
CA GLN B 325 -8.78 10.74 2.65
C GLN B 325 -7.26 10.73 2.87
N TYR B 326 -6.55 10.93 1.75
CA TYR B 326 -5.10 10.87 1.74
C TYR B 326 -4.40 12.25 1.73
N HIS B 327 -5.18 13.30 1.99
CA HIS B 327 -4.66 14.69 2.08
C HIS B 327 -3.77 15.05 0.88
N ILE B 328 -4.28 14.81 -0.32
CA ILE B 328 -3.55 15.12 -1.54
C ILE B 328 -3.48 16.63 -1.71
N ASP B 329 -2.31 17.12 -2.11
CA ASP B 329 -2.08 18.53 -2.42
C ASP B 329 -2.87 18.88 -3.67
N SER B 330 -3.94 19.66 -3.52
CA SER B 330 -4.81 19.97 -4.68
C SER B 330 -4.17 20.90 -5.70
N GLU B 331 -3.34 21.83 -5.23
CA GLU B 331 -2.63 22.72 -6.16
C GLU B 331 -1.68 21.93 -7.07
N GLN B 332 -0.95 20.98 -6.48
CA GLN B 332 -0.03 20.13 -7.26
C GLN B 332 -0.81 19.22 -8.21
N ALA B 333 -1.90 18.63 -7.73
CA ALA B 333 -2.70 17.77 -8.57
C ALA B 333 -3.18 18.58 -9.79
N ARG B 334 -3.68 19.79 -9.54
CA ARG B 334 -4.15 20.67 -10.61
C ARG B 334 -3.06 21.07 -11.62
N ARG B 335 -1.88 21.40 -11.09
CA ARG B 335 -0.74 21.76 -11.89
C ARG B 335 -0.38 20.67 -12.88
N VAL B 336 -0.28 19.46 -12.35
CA VAL B 336 0.12 18.29 -13.13
C VAL B 336 -0.98 17.94 -14.13
N LEU B 337 -2.23 18.02 -13.70
CA LEU B 337 -3.35 17.76 -14.61
C LEU B 337 -3.29 18.73 -15.81
N ASP B 338 -3.19 20.02 -15.52
CA ASP B 338 -3.20 21.03 -16.58
C ASP B 338 -2.07 20.78 -17.59
N THR B 339 -0.88 20.59 -17.09
CA THR B 339 0.27 20.34 -17.93
C THR B 339 0.09 19.11 -18.81
N THR B 340 -0.35 18.03 -18.18
CA THR B 340 -0.53 16.76 -18.85
C THR B 340 -1.56 16.87 -19.96
N MET B 341 -2.71 17.48 -19.64
CA MET B 341 -3.82 17.55 -20.59
C MET B 341 -3.56 18.53 -21.74
N GLN B 342 -2.71 19.52 -21.50
CA GLN B 342 -2.34 20.46 -22.56
C GLN B 342 -1.48 19.75 -23.62
N MET B 343 -0.62 18.83 -23.18
CA MET B 343 0.13 17.99 -24.13
C MET B 343 -0.81 16.93 -24.71
N TYR B 344 -1.73 16.38 -23.89
CA TYR B 344 -2.69 15.37 -24.38
C TYR B 344 -3.48 15.82 -25.60
N GLU B 345 -3.99 17.07 -25.60
CA GLU B 345 -4.79 17.53 -26.72
C GLU B 345 -3.95 17.56 -28.01
N GLN B 346 -2.67 17.92 -27.88
CA GLN B 346 -1.79 17.92 -29.05
C GLN B 346 -1.53 16.50 -29.54
N TRP B 347 -1.31 15.58 -28.59
CA TRP B 347 -1.15 14.17 -28.94
C TRP B 347 -2.40 13.68 -29.69
N ARG B 348 -3.56 13.99 -29.12
CA ARG B 348 -4.85 13.58 -29.68
C ARG B 348 -5.01 14.10 -31.10
N GLU B 349 -4.71 15.38 -31.33
CA GLU B 349 -4.95 15.95 -32.65
C GLU B 349 -4.01 15.35 -33.74
N GLN B 350 -2.89 14.77 -33.31
CA GLN B 350 -1.92 14.18 -34.23
C GLN B 350 -2.20 12.71 -34.57
N GLN B 351 -3.07 12.08 -33.79
CA GLN B 351 -3.54 10.69 -34.04
C GLN B 351 -4.92 10.48 -33.40
N PRO B 352 -5.95 11.16 -33.88
CA PRO B 352 -7.29 11.11 -33.25
C PRO B 352 -7.94 9.72 -33.10
N LYS B 353 -7.66 8.78 -34.00
CA LYS B 353 -8.18 7.40 -33.95
C LYS B 353 -7.73 6.65 -32.70
N LEU B 354 -6.55 7.00 -32.18
CA LEU B 354 -5.98 6.33 -31.02
C LEU B 354 -6.51 6.84 -29.68
N ALA B 355 -7.20 7.98 -29.72
CA ALA B 355 -7.79 8.57 -28.51
C ALA B 355 -9.17 7.99 -28.18
N HIS B 356 -9.47 7.87 -26.89
CA HIS B 356 -10.74 7.32 -26.41
C HIS B 356 -11.19 8.05 -25.15
N PRO B 357 -12.42 8.55 -25.14
CA PRO B 357 -13.00 9.23 -23.97
C PRO B 357 -12.72 8.57 -22.63
N GLN B 358 -12.92 7.26 -22.59
CA GLN B 358 -12.71 6.47 -21.38
C GLN B 358 -11.28 6.58 -20.85
N LEU B 359 -10.32 6.39 -21.74
CA LEU B 359 -8.91 6.44 -21.35
C LEU B 359 -8.51 7.86 -21.02
N GLU B 360 -9.10 8.84 -21.72
CA GLU B 360 -8.85 10.26 -21.39
C GLU B 360 -9.24 10.52 -19.94
N ALA B 361 -10.44 10.11 -19.56
CA ALA B 361 -10.88 10.26 -18.17
C ALA B 361 -9.92 9.58 -17.19
N LEU B 362 -9.37 8.40 -17.52
CA LEU B 362 -8.47 7.71 -16.59
C LEU B 362 -7.15 8.43 -16.48
N LEU B 363 -6.69 9.06 -17.55
CA LEU B 363 -5.43 9.81 -17.43
C LEU B 363 -5.62 11.02 -16.50
N ARG B 364 -6.76 11.69 -16.64
CA ARG B 364 -7.10 12.84 -15.79
C ARG B 364 -7.02 12.44 -14.34
N TRP B 365 -7.72 11.36 -14.00
CA TRP B 365 -7.76 10.89 -12.60
C TRP B 365 -6.38 10.42 -12.14
N ALA B 366 -5.59 9.83 -13.03
CA ALA B 366 -4.22 9.41 -12.66
C ALA B 366 -3.38 10.63 -12.31
N ALA B 367 -3.59 11.72 -13.07
CA ALA B 367 -2.86 12.96 -12.79
C ALA B 367 -3.31 13.50 -11.44
N MET B 368 -4.62 13.46 -11.21
CA MET B 368 -5.20 13.97 -9.97
C MET B 368 -4.77 13.15 -8.75
N LEU B 369 -4.53 11.85 -8.93
CA LEU B 369 -4.25 10.97 -7.78
C LEU B 369 -2.84 10.40 -7.71
N HIS B 370 -1.91 10.92 -8.49
CA HIS B 370 -0.57 10.31 -8.54
C HIS B 370 0.17 10.41 -7.22
N GLU B 371 -0.21 11.34 -6.34
CA GLU B 371 0.47 11.49 -5.06
C GLU B 371 -0.30 10.86 -3.88
N VAL B 372 -1.28 10.02 -4.20
CA VAL B 372 -2.11 9.39 -3.15
C VAL B 372 -1.28 8.58 -2.13
N GLY B 373 -0.13 8.06 -2.58
CA GLY B 373 0.74 7.22 -1.75
C GLY B 373 1.78 7.97 -0.95
N LEU B 374 1.73 9.29 -1.00
CA LEU B 374 2.73 10.11 -0.29
C LEU B 374 2.76 9.92 1.23
N ASN B 375 1.62 9.61 1.85
CA ASN B 375 1.60 9.39 3.29
C ASN B 375 2.28 8.08 3.73
N ILE B 376 2.49 7.17 2.77
CA ILE B 376 3.27 5.95 3.00
C ILE B 376 4.72 6.38 2.89
N ASN B 377 5.12 6.94 1.74
CA ASN B 377 6.49 7.46 1.63
C ASN B 377 6.73 8.38 0.45
N HIS B 378 7.60 9.36 0.66
CA HIS B 378 8.02 10.24 -0.42
C HIS B 378 8.88 9.45 -1.43
N SER B 379 9.62 8.46 -0.96
CA SER B 379 10.41 7.63 -1.85
C SER B 379 9.47 6.55 -2.38
N GLY B 380 9.72 6.08 -3.60
CA GLY B 380 8.92 5.00 -4.18
C GLY B 380 7.48 5.43 -4.39
N LEU B 381 7.24 6.75 -4.43
CA LEU B 381 5.87 7.29 -4.54
C LEU B 381 5.02 6.62 -5.63
N HIS B 382 5.57 6.43 -6.82
CA HIS B 382 4.80 5.81 -7.92
C HIS B 382 4.27 4.41 -7.57
N ARG B 383 5.12 3.64 -6.90
CA ARG B 383 4.77 2.29 -6.41
C ARG B 383 3.67 2.32 -5.34
N HIS B 384 3.84 3.19 -4.34
CA HIS B 384 2.87 3.27 -3.25
C HIS B 384 1.52 3.81 -3.71
N SER B 385 1.56 4.81 -4.60
CA SER B 385 0.33 5.39 -5.14
C SER B 385 -0.38 4.34 -5.95
N ALA B 386 0.35 3.62 -6.81
CA ALA B 386 -0.29 2.55 -7.59
C ALA B 386 -0.88 1.45 -6.70
N TYR B 387 -0.20 1.16 -5.59
CA TYR B 387 -0.64 0.12 -4.69
C TYR B 387 -2.00 0.46 -4.08
N ILE B 388 -2.17 1.71 -3.64
CA ILE B 388 -3.44 2.16 -3.06
C ILE B 388 -4.53 2.11 -4.14
N LEU B 389 -4.24 2.65 -5.32
CA LEU B 389 -5.22 2.71 -6.39
C LEU B 389 -5.61 1.32 -6.90
N GLN B 390 -4.65 0.40 -6.93
CA GLN B 390 -4.91 -0.95 -7.44
C GLN B 390 -5.79 -1.78 -6.50
N ASN B 391 -5.60 -1.54 -5.21
CA ASN B 391 -6.23 -2.39 -4.19
C ASN B 391 -7.39 -1.83 -3.36
N SER B 392 -7.70 -0.55 -3.52
CA SER B 392 -8.77 0.09 -2.78
C SER B 392 -10.14 -0.19 -3.40
N ASP B 393 -11.23 0.08 -2.66
CA ASP B 393 -12.56 0.00 -3.28
C ASP B 393 -12.79 1.36 -3.89
N LEU B 394 -13.04 1.40 -5.19
CA LEU B 394 -13.27 2.64 -5.93
C LEU B 394 -14.63 2.65 -6.58
N PRO B 395 -15.65 3.17 -5.88
CA PRO B 395 -17.02 3.16 -6.44
C PRO B 395 -17.07 3.76 -7.82
N GLY B 396 -17.80 3.10 -8.71
CA GLY B 396 -17.96 3.60 -10.06
C GLY B 396 -17.03 3.00 -11.09
N PHE B 397 -15.91 2.44 -10.63
CA PHE B 397 -14.89 1.89 -11.50
C PHE B 397 -15.08 0.40 -11.74
N ASN B 398 -14.85 -0.08 -12.95
CA ASN B 398 -14.82 -1.52 -13.16
C ASN B 398 -13.37 -2.02 -12.98
N GLN B 399 -13.13 -3.32 -13.04
CA GLN B 399 -11.77 -3.84 -12.75
C GLN B 399 -10.69 -3.32 -13.69
N GLU B 400 -10.98 -3.25 -14.98
CA GLU B 400 -9.97 -2.83 -15.94
C GLU B 400 -9.64 -1.32 -15.86
N GLN B 401 -10.67 -0.52 -15.60
CA GLN B 401 -10.48 0.92 -15.45
C GLN B 401 -9.60 1.18 -14.23
N GLN B 402 -9.86 0.45 -13.14
CA GLN B 402 -9.10 0.64 -11.91
C GLN B 402 -7.63 0.26 -12.07
N LEU B 403 -7.43 -0.89 -12.69
CA LEU B 403 -6.08 -1.37 -12.95
C LEU B 403 -5.35 -0.45 -13.93
N MET B 404 -6.04 0.04 -14.96
CA MET B 404 -5.41 0.95 -15.93
C MET B 404 -4.97 2.23 -15.22
N MET B 405 -5.87 2.82 -14.44
CA MET B 405 -5.53 4.05 -13.74
C MET B 405 -4.32 3.82 -12.82
N ALA B 406 -4.32 2.70 -12.10
CA ALA B 406 -3.20 2.39 -11.23
C ALA B 406 -1.90 2.19 -12.02
N THR B 407 -2.03 1.60 -13.22
CA THR B 407 -0.85 1.36 -14.08
C THR B 407 -0.21 2.67 -14.57
N LEU B 408 -1.06 3.63 -14.95
CA LEU B 408 -0.56 4.94 -15.40
C LEU B 408 0.28 5.54 -14.26
N VAL B 409 -0.29 5.53 -13.06
CA VAL B 409 0.43 6.04 -11.89
C VAL B 409 1.71 5.23 -11.60
N ARG B 410 1.63 3.89 -11.67
CA ARG B 410 2.79 3.02 -11.44
C ARG B 410 4.01 3.34 -12.30
N TYR B 411 3.76 3.83 -13.50
CA TYR B 411 4.86 4.12 -14.42
C TYR B 411 5.18 5.62 -14.54
N HIS B 412 4.72 6.45 -13.60
CA HIS B 412 4.86 7.93 -13.76
C HIS B 412 6.26 8.56 -13.49
N ARG B 413 7.20 7.75 -13.04
CA ARG B 413 8.56 8.22 -12.75
C ARG B 413 9.48 7.02 -12.68
N LYS B 414 10.79 7.24 -12.72
CA LYS B 414 11.78 6.18 -12.57
C LYS B 414 11.89 5.31 -13.82
N ALA B 415 12.80 4.32 -13.78
CA ALA B 415 13.05 3.43 -14.92
C ALA B 415 11.77 2.77 -15.36
N ILE B 416 11.62 2.62 -16.66
CA ILE B 416 10.40 2.03 -17.16
C ILE B 416 10.65 0.73 -17.95
N LYS B 417 9.87 -0.30 -17.63
CA LYS B 417 10.00 -1.59 -18.27
C LYS B 417 8.63 -2.08 -18.72
N LEU B 418 8.37 -1.97 -20.01
CA LEU B 418 7.06 -2.31 -20.59
C LEU B 418 6.68 -3.79 -20.51
N ASP B 419 7.67 -4.65 -20.30
CA ASP B 419 7.41 -6.08 -20.22
C ASP B 419 6.68 -6.44 -18.93
N ASP B 420 6.67 -5.52 -17.97
CA ASP B 420 5.97 -5.75 -16.72
C ASP B 420 4.52 -5.27 -16.73
N LEU B 421 4.06 -4.73 -17.85
CA LEU B 421 2.70 -4.21 -17.95
C LEU B 421 1.70 -5.35 -17.83
N PRO B 422 0.56 -5.12 -17.20
CA PRO B 422 -0.50 -6.11 -17.14
C PRO B 422 -1.25 -6.15 -18.45
N ARG B 423 -1.95 -7.25 -18.71
CA ARG B 423 -2.80 -7.38 -19.90
C ARG B 423 -4.14 -6.70 -19.65
N PHE B 424 -4.78 -6.20 -20.71
CA PHE B 424 -6.13 -5.63 -20.61
C PHE B 424 -6.96 -6.18 -21.76
N THR B 425 -8.24 -6.48 -21.53
CA THR B 425 -9.12 -6.87 -22.64
C THR B 425 -9.73 -5.65 -23.29
N LEU B 426 -9.88 -4.59 -22.49
CA LEU B 426 -10.58 -3.38 -22.91
C LEU B 426 -9.71 -2.30 -23.54
N PHE B 427 -8.38 -2.36 -23.35
CA PHE B 427 -7.45 -1.34 -23.83
C PHE B 427 -6.22 -1.96 -24.53
N LYS B 428 -5.77 -1.28 -25.58
CA LYS B 428 -4.62 -1.72 -26.34
C LYS B 428 -3.42 -0.83 -26.04
N LYS B 429 -2.23 -1.43 -26.08
CA LYS B 429 -0.99 -0.70 -25.83
C LYS B 429 -0.88 0.59 -26.66
N LYS B 430 -1.24 0.54 -27.94
CA LYS B 430 -1.13 1.74 -28.78
C LYS B 430 -1.98 2.91 -28.27
N GLN B 431 -3.07 2.59 -27.58
CA GLN B 431 -3.95 3.61 -27.00
C GLN B 431 -3.48 4.11 -25.63
N PHE B 432 -2.81 3.27 -24.84
CA PHE B 432 -2.49 3.73 -23.47
C PHE B 432 -1.02 4.05 -23.16
N LEU B 433 -0.06 3.49 -23.92
CA LEU B 433 1.34 3.85 -23.75
C LEU B 433 1.59 5.37 -23.90
N PRO B 434 0.95 6.05 -24.86
CA PRO B 434 1.14 7.51 -24.94
C PRO B 434 0.63 8.20 -23.68
N LEU B 435 -0.34 7.62 -22.98
CA LEU B 435 -0.85 8.21 -21.73
C LEU B 435 0.24 8.15 -20.64
N ILE B 436 0.99 7.06 -20.61
CA ILE B 436 2.14 6.94 -19.68
C ILE B 436 3.16 8.04 -20.03
N GLN B 437 3.52 8.17 -21.31
CA GLN B 437 4.47 9.20 -21.72
C GLN B 437 3.96 10.59 -21.32
N LEU B 438 2.69 10.88 -21.56
CA LEU B 438 2.16 12.22 -21.19
C LEU B 438 2.23 12.47 -19.71
N LEU B 439 1.80 11.49 -18.91
CA LEU B 439 1.84 11.65 -17.47
C LEU B 439 3.27 11.79 -16.94
N ARG B 440 4.24 11.02 -17.46
CA ARG B 440 5.61 11.15 -16.96
C ARG B 440 6.09 12.58 -17.20
N LEU B 441 5.76 13.11 -18.36
CA LEU B 441 6.18 14.49 -18.69
C LEU B 441 5.47 15.53 -17.83
N GLY B 442 4.15 15.37 -17.68
CA GLY B 442 3.34 16.30 -16.89
C GLY B 442 3.80 16.39 -15.45
N VAL B 443 4.20 15.26 -14.89
CA VAL B 443 4.65 15.23 -13.50
C VAL B 443 6.00 15.88 -13.34
N LEU B 444 6.95 15.46 -14.19
CA LEU B 444 8.28 15.96 -14.03
C LEU B 444 8.39 17.48 -14.26
N LEU B 445 7.57 18.03 -15.16
CA LEU B 445 7.61 19.47 -15.45
C LEU B 445 7.16 20.29 -14.25
N ASN B 446 6.49 19.62 -13.31
CA ASN B 446 6.03 20.28 -12.08
C ASN B 446 6.76 19.83 -10.82
N ASN B 447 7.99 19.33 -10.98
CA ASN B 447 8.75 18.84 -9.82
C ASN B 447 8.92 19.87 -8.70
N GLN B 448 9.05 21.14 -9.10
CA GLN B 448 9.27 22.22 -8.13
C GLN B 448 7.98 22.72 -7.41
N ARG B 449 6.87 22.06 -7.67
CA ARG B 449 5.58 22.38 -7.02
C ARG B 449 5.18 23.84 -7.21
N GLN B 450 4.92 24.56 -6.13
CA GLN B 450 4.53 25.97 -6.24
C GLN B 450 5.66 26.85 -6.82
N ALA B 451 6.91 26.39 -6.72
CA ALA B 451 8.05 27.16 -7.26
C ALA B 451 8.22 26.90 -8.77
N THR B 452 7.37 26.02 -9.34
CA THR B 452 7.39 25.71 -10.76
C THR B 452 7.20 26.93 -11.66
N THR B 453 7.99 26.99 -12.73
CA THR B 453 7.84 27.99 -13.77
C THR B 453 7.17 27.28 -14.92
N THR B 454 5.93 27.71 -15.21
CA THR B 454 5.14 27.17 -16.31
C THR B 454 5.48 27.90 -17.59
N PRO B 455 5.97 27.19 -18.63
CA PRO B 455 6.27 27.85 -19.90
C PRO B 455 5.01 28.41 -20.56
N PRO B 456 5.07 29.62 -21.12
CA PRO B 456 3.93 30.24 -21.80
C PRO B 456 3.46 29.38 -22.97
N THR B 457 4.37 28.66 -23.64
CA THR B 457 3.98 27.73 -24.71
C THR B 457 4.72 26.43 -24.57
N LEU B 458 4.13 25.37 -25.08
CA LEU B 458 4.76 24.07 -25.07
C LEU B 458 4.18 23.26 -26.20
N THR B 459 4.99 23.05 -27.22
CA THR B 459 4.56 22.33 -28.39
C THR B 459 5.01 20.87 -28.34
N LEU B 460 4.08 19.96 -28.63
CA LEU B 460 4.43 18.56 -28.69
C LEU B 460 4.26 18.08 -30.12
N ILE B 461 5.32 17.48 -30.68
CA ILE B 461 5.28 16.92 -32.03
C ILE B 461 5.55 15.41 -31.95
N THR B 462 4.65 14.62 -32.50
CA THR B 462 4.85 13.17 -32.46
C THR B 462 5.09 12.54 -33.82
N ASP B 463 5.99 11.57 -33.82
CA ASP B 463 6.34 10.76 -34.97
C ASP B 463 6.31 9.37 -34.37
N ASP B 464 5.15 8.75 -34.37
CA ASP B 464 4.94 7.48 -33.69
C ASP B 464 5.36 7.71 -32.22
N SER B 465 6.35 6.97 -31.71
CA SER B 465 6.78 7.18 -30.32
C SER B 465 8.06 8.05 -30.17
N HIS B 466 8.46 8.71 -31.26
CA HIS B 466 9.57 9.64 -31.25
C HIS B 466 8.91 10.99 -31.03
N TRP B 467 9.01 11.52 -29.81
CA TRP B 467 8.34 12.80 -29.48
C TRP B 467 9.33 13.97 -29.34
N THR B 468 8.90 15.16 -29.76
CA THR B 468 9.68 16.40 -29.61
C THR B 468 8.89 17.37 -28.75
N LEU B 469 9.51 17.90 -27.70
CA LEU B 469 8.89 18.95 -26.92
C LEU B 469 9.62 20.25 -27.26
N ARG B 470 8.89 21.24 -27.77
CA ARG B 470 9.48 22.53 -28.11
C ARG B 470 9.03 23.61 -27.11
N PHE B 471 9.99 24.12 -26.36
CA PHE B 471 9.83 25.14 -25.33
C PHE B 471 10.06 26.53 -25.91
N PRO B 472 9.69 27.60 -25.19
CA PRO B 472 9.94 28.97 -25.68
C PRO B 472 11.42 29.26 -25.96
N HIS B 473 11.66 30.31 -26.75
CA HIS B 473 13.02 30.71 -27.08
C HIS B 473 13.78 30.98 -25.79
N ASP B 474 15.01 30.47 -25.74
CA ASP B 474 15.92 30.60 -24.59
C ASP B 474 15.33 30.12 -23.22
N TRP B 475 14.23 29.37 -23.26
CA TRP B 475 13.59 28.99 -21.99
C TRP B 475 14.49 28.32 -20.96
N PHE B 476 15.35 27.42 -21.41
CA PHE B 476 16.21 26.68 -20.45
C PHE B 476 17.33 27.48 -19.75
N SER B 477 17.66 28.68 -20.25
CA SER B 477 18.68 29.49 -19.60
C SER B 477 18.19 29.93 -18.22
N GLN B 478 16.87 30.00 -18.04
CA GLN B 478 16.31 30.42 -16.75
C GLN B 478 15.66 29.24 -16.01
N ASN B 479 15.77 28.04 -16.59
CA ASN B 479 15.16 26.84 -16.03
C ASN B 479 16.08 25.61 -16.12
N ALA B 480 17.30 25.77 -15.61
CA ALA B 480 18.33 24.74 -15.69
C ALA B 480 17.94 23.39 -15.07
N LEU B 481 17.31 23.42 -13.90
CA LEU B 481 16.93 22.16 -13.24
C LEU B 481 15.90 21.38 -14.06
N VAL B 482 14.98 22.10 -14.71
CA VAL B 482 13.96 21.43 -15.53
C VAL B 482 14.68 20.70 -16.67
N LEU B 483 15.69 21.33 -17.27
CA LEU B 483 16.44 20.66 -18.35
C LEU B 483 17.12 19.36 -17.87
N LEU B 484 17.74 19.40 -16.68
CA LEU B 484 18.36 18.23 -16.10
C LEU B 484 17.36 17.10 -15.92
N ASP B 485 16.14 17.45 -15.49
CA ASP B 485 15.10 16.45 -15.30
C ASP B 485 14.66 15.84 -16.63
N LEU B 486 14.61 16.68 -17.66
CA LEU B 486 14.18 16.25 -18.99
C LEU B 486 15.26 15.38 -19.62
N GLU B 487 16.54 15.70 -19.34
CA GLU B 487 17.65 14.90 -19.85
C GLU B 487 17.62 13.49 -19.23
N LYS B 488 17.24 13.38 -17.95
CA LYS B 488 17.13 12.09 -17.28
C LYS B 488 15.97 11.31 -17.91
N GLU B 489 14.88 12.02 -18.21
CA GLU B 489 13.73 11.40 -18.88
C GLU B 489 14.13 10.91 -20.28
N GLN B 490 14.92 11.70 -21.01
CA GLN B 490 15.40 11.27 -22.33
C GLN B 490 16.16 9.96 -22.22
N GLU B 491 17.02 9.84 -21.20
CA GLU B 491 17.77 8.61 -20.95
C GLU B 491 16.84 7.45 -20.64
N TYR B 492 15.77 7.68 -19.87
CA TYR B 492 14.77 6.65 -19.59
C TYR B 492 14.09 6.13 -20.87
N TRP B 493 13.77 7.03 -21.79
CA TRP B 493 13.14 6.62 -23.04
C TRP B 493 14.12 5.88 -23.95
N GLU B 494 15.40 6.14 -23.79
CA GLU B 494 16.38 5.47 -24.64
C GLU B 494 16.50 3.97 -24.31
N GLY B 495 16.03 3.59 -23.13
CA GLY B 495 16.02 2.19 -22.75
C GLY B 495 14.71 1.49 -23.12
N VAL B 496 13.77 2.24 -23.69
CA VAL B 496 12.47 1.70 -24.12
C VAL B 496 12.44 1.66 -25.66
N ALA B 497 12.35 0.46 -26.25
CA ALA B 497 12.34 0.31 -27.73
C ALA B 497 11.29 1.19 -28.45
N GLY B 498 11.72 1.92 -29.47
CA GLY B 498 10.81 2.78 -30.22
C GLY B 498 10.51 4.15 -29.61
N TRP B 499 10.76 4.32 -28.32
CA TRP B 499 10.51 5.58 -27.66
C TRP B 499 11.75 6.46 -27.75
N ARG B 500 11.57 7.71 -28.17
CA ARG B 500 12.65 8.71 -28.20
C ARG B 500 12.14 10.10 -27.81
N LEU B 501 12.88 10.80 -26.96
CA LEU B 501 12.50 12.14 -26.56
C LEU B 501 13.54 13.19 -27.03
N LYS B 502 13.05 14.20 -27.74
CA LYS B 502 13.90 15.30 -28.23
C LYS B 502 13.43 16.57 -27.56
N ILE B 503 14.36 17.38 -27.05
CA ILE B 503 14.01 18.60 -26.34
C ILE B 503 14.52 19.77 -27.14
N GLU B 504 13.62 20.71 -27.48
CA GLU B 504 14.00 21.88 -28.29
C GLU B 504 13.52 23.19 -27.72
N GLU B 505 14.15 24.26 -28.18
CA GLU B 505 13.71 25.62 -27.89
C GLU B 505 13.33 26.26 -29.21
N GLU B 506 12.23 27.02 -29.24
CA GLU B 506 11.91 27.79 -30.46
C GLU B 506 13.13 28.60 -30.86
N SER B 507 13.42 28.68 -32.16
CA SER B 507 14.65 29.36 -32.58
C SER B 507 14.49 30.86 -32.87
N THR B 508 13.25 31.32 -32.98
CA THR B 508 12.97 32.72 -33.30
C THR B 508 13.12 33.62 -32.09
N PRO B 509 13.98 34.62 -32.20
CA PRO B 509 14.19 35.57 -31.11
C PRO B 509 12.99 36.50 -31.07
N GLU B 510 12.61 36.95 -29.88
CA GLU B 510 11.51 37.90 -29.76
C GLU B 510 11.95 39.11 -28.92
N ILE B 511 11.43 40.30 -29.24
CA ILE B 511 11.71 41.51 -28.45
C ILE B 511 11.05 41.44 -27.06
S SO4 C . 27.97 9.32 5.79
O1 SO4 C . 27.28 9.33 4.51
O2 SO4 C . 27.21 10.13 6.74
O3 SO4 C . 28.13 7.97 6.29
O4 SO4 C . 29.33 9.90 5.68
S SO4 D . 32.93 12.95 7.62
O1 SO4 D . 34.31 13.05 8.16
O2 SO4 D . 32.02 13.56 8.58
O3 SO4 D . 32.82 13.61 6.33
O4 SO4 D . 32.62 11.54 7.48
S SO4 E . 39.09 15.83 9.17
O1 SO4 E . 40.30 15.12 8.74
O2 SO4 E . 38.81 17.07 8.42
O3 SO4 E . 38.05 14.85 8.92
O4 SO4 E . 39.15 16.28 10.57
S SO4 F . 18.68 32.05 7.95
O1 SO4 F . 17.70 33.05 7.63
O2 SO4 F . 18.33 31.32 9.16
O3 SO4 F . 18.80 31.11 6.83
O4 SO4 F . 19.98 32.70 8.16
S SO4 G . -11.22 -12.73 7.63
O1 SO4 G . -11.92 -13.86 8.20
O2 SO4 G . -9.79 -12.80 7.94
O3 SO4 G . -11.43 -12.67 6.18
O4 SO4 G . -11.76 -11.53 8.24
S SO4 H . 18.15 10.53 -4.31
O1 SO4 H . 18.63 11.88 -4.42
O2 SO4 H . 16.84 10.52 -4.97
O3 SO4 H . 19.03 9.65 -5.08
O4 SO4 H . 18.07 10.16 -2.91
S SO4 I . -8.98 -12.48 0.85
O1 SO4 I . -9.44 -11.70 -0.30
O2 SO4 I . -10.12 -12.53 1.80
O3 SO4 I . -8.66 -13.81 0.34
O4 SO4 I . -7.78 -11.90 1.47
S SO4 J . 18.24 -18.56 10.61
O1 SO4 J . 17.47 -19.21 9.56
O2 SO4 J . 19.60 -19.08 10.65
O3 SO4 J . 18.35 -17.15 10.27
O4 SO4 J . 17.63 -18.77 11.92
S SO4 K . 20.20 -18.53 19.66
O1 SO4 K . 20.94 -17.47 18.98
O2 SO4 K . 18.80 -18.51 19.26
O3 SO4 K . 20.75 -19.84 19.31
O4 SO4 K . 20.30 -18.29 21.10
S SO4 L . 16.87 -9.02 22.85
O1 SO4 L . 17.31 -8.78 21.49
O2 SO4 L . 15.51 -9.55 22.82
O3 SO4 L . 17.67 -10.02 23.51
O4 SO4 L . 16.87 -7.77 23.59
S SO4 M . 3.52 0.35 23.52
O1 SO4 M . 3.37 0.65 22.10
O2 SO4 M . 2.69 1.28 24.27
O3 SO4 M . 3.11 -1.01 23.81
O4 SO4 M . 4.92 0.50 23.93
S SO4 N . 5.22 -32.49 10.25
O1 SO4 N . 5.26 -31.44 9.21
O2 SO4 N . 4.67 -33.72 9.66
O3 SO4 N . 6.55 -32.73 10.79
O4 SO4 N . 4.36 -32.06 11.34
S SO4 O . -7.58 12.29 9.33
O1 SO4 O . -8.06 12.57 7.99
O2 SO4 O . -7.53 13.54 10.06
O3 SO4 O . -8.52 11.39 9.95
O4 SO4 O . -6.25 11.72 9.30
S SO4 P . -23.43 -13.77 -8.86
O1 SO4 P . -24.74 -13.23 -9.07
O2 SO4 P . -23.56 -14.79 -7.82
O3 SO4 P . -22.79 -14.26 -10.04
O4 SO4 P . -22.50 -12.68 -8.40
S SO4 Q . -30.56 -16.26 -9.79
O1 SO4 Q . -31.77 -16.35 -10.57
O2 SO4 Q . -30.43 -17.51 -9.04
O3 SO4 Q . -29.43 -16.10 -10.68
O4 SO4 Q . -30.68 -15.08 -8.96
S SO4 R . -36.96 -19.39 -11.65
O1 SO4 R . -37.05 -20.60 -12.43
O2 SO4 R . -37.03 -19.77 -10.22
O3 SO4 R . -35.71 -18.66 -11.89
O4 SO4 R . -38.03 -18.47 -11.96
S SO4 S . -36.85 -6.25 10.40
O1 SO4 S . -36.71 -5.17 9.43
O2 SO4 S . -37.92 -7.13 9.98
O3 SO4 S . -35.62 -7.04 10.53
O4 SO4 S . -37.22 -5.72 11.71
S SO4 T . 10.84 12.96 -7.75
O1 SO4 T . 12.07 12.48 -7.16
O2 SO4 T . 9.96 13.55 -6.72
O3 SO4 T . 11.13 13.94 -8.79
O4 SO4 T . 10.11 11.88 -8.39
S SO4 U . -15.27 -15.21 1.44
O1 SO4 U . -15.98 -15.29 2.70
O2 SO4 U . -13.88 -14.84 1.69
O3 SO4 U . -15.23 -16.55 0.86
O4 SO4 U . -15.93 -14.20 0.61
S SO4 V . 12.95 6.17 -5.45
O1 SO4 V . 11.72 5.67 -6.05
O2 SO4 V . 13.16 5.50 -4.17
O3 SO4 V . 14.06 5.84 -6.34
O4 SO4 V . 12.84 7.62 -5.23
S SO4 W . -2.24 -5.19 -27.23
O1 SO4 W . -2.61 -4.52 -28.47
O2 SO4 W . -3.26 -6.19 -26.96
O3 SO4 W . -0.93 -5.84 -27.32
O4 SO4 W . -2.14 -4.23 -26.14
S SO4 X . -8.38 -0.14 -32.55
O1 SO4 X . -7.90 -0.27 -33.92
O2 SO4 X . -9.65 0.60 -32.53
O3 SO4 X . -8.57 -1.46 -31.99
O4 SO4 X . -7.40 0.60 -31.76
S SO4 Y . -14.67 4.61 -25.11
O1 SO4 Y . -15.03 4.55 -26.51
O2 SO4 Y . -13.99 3.38 -24.71
O3 SO4 Y . -13.74 5.70 -24.89
O4 SO4 Y . -15.86 4.84 -24.29
S SO4 Z . -13.82 14.90 -12.47
O1 SO4 Z . -15.04 15.54 -11.97
O2 SO4 Z . -14.19 13.98 -13.54
O3 SO4 Z . -12.95 15.94 -13.04
O4 SO4 Z . -13.14 14.20 -11.38
S SO4 AA . 14.33 3.33 -31.49
O1 SO4 AA . 14.08 2.20 -30.62
O2 SO4 AA . 15.08 2.88 -32.68
O3 SO4 AA . 13.10 3.94 -31.96
O4 SO4 AA . 15.11 4.32 -30.75
S SO4 BA . -20.68 -27.86 -16.94
O1 SO4 BA . -21.46 -27.97 -18.19
O2 SO4 BA . -21.09 -28.86 -15.95
O3 SO4 BA . -19.26 -28.07 -17.26
O4 SO4 BA . -20.92 -26.54 -16.39
S SO4 CA . -39.35 -14.53 -13.20
O1 SO4 CA . -39.02 -15.16 -14.48
O2 SO4 CA . -38.56 -13.33 -12.99
O3 SO4 CA . -40.75 -14.11 -13.22
O4 SO4 CA . -39.10 -15.48 -12.12
S SO4 DA . -41.36 -25.76 -15.11
O1 SO4 DA . -41.74 -24.94 -13.96
O2 SO4 DA . -42.22 -26.94 -15.23
O3 SO4 DA . -41.52 -24.96 -16.30
O4 SO4 DA . -39.99 -26.24 -14.99
S SO4 EA . -26.66 6.31 12.93
O1 SO4 EA . -26.53 5.16 12.03
O2 SO4 EA . -26.97 7.49 12.12
O3 SO4 EA . -27.68 6.07 13.94
O4 SO4 EA . -25.37 6.48 13.62
#